data_2UXV
#
_entry.id   2UXV
#
_cell.length_a   64.120
_cell.length_b   48.880
_cell.length_c   131.960
_cell.angle_alpha   90.00
_cell.angle_beta   95.90
_cell.angle_gamma   90.00
#
_symmetry.space_group_name_H-M   'P 1 21 1'
#
loop_
_entity.id
_entity.type
_entity.pdbx_description
1 polymer 'PROTEIN SUFI'
2 water water
#
_entity_poly.entity_id   1
_entity_poly.type   'polypeptide(L)'
_entity_poly.pdbx_seq_one_letter_code
;AGQQQPLPVPPLLESRRGQPLFMTVQRAHWSFTPGTRASVWGINGRYLGPTIRVWKGDDVKLIYSNRLTENVSMTVAGLQ
VPGPLMGGPARMMSPNADWAPVLPIRQNAATLWYHANTPNRTAQQVYNGLAGMWLVEDEVSKSLPIPNHYGVDDFPVIIQ
DKRLDNFGTPEYNEPGSGGFVGDTLLVNGVQSPYVEVSRGWVRLRLLNASNSRRYQLQMNDGRPLHVISGDQGFLPAPVS
VKQLSLAPGERREILVDMSNGDEVSITCGEAASIVDRIRGFFEPSSILVSTLVLTLRPTGLLPLVTDSLPMRLLPTEIMA
GSPIRSRDISLGDDPGINGQLWDVNRIDVTAQQGTWERWTVRADEPQAFHIEGVMFQIRNVNGAMPFPEDRGWKDTVWVD
GQVELLVYFGQPSWAHFPFYFNSQTLEMADRGSIGQLLVNPVPRSHHHHHH
;
_entity_poly.pdbx_strand_id   A,B
#
# COMPACT_ATOMS: atom_id res chain seq x y z
N GLN A 3 9.12 -9.38 30.66
CA GLN A 3 9.21 -7.95 30.42
C GLN A 3 10.24 -7.64 29.36
N GLN A 4 9.86 -6.87 28.35
CA GLN A 4 10.79 -6.54 27.28
C GLN A 4 11.81 -5.47 27.70
N GLN A 5 12.93 -5.43 26.98
CA GLN A 5 14.00 -4.50 27.27
C GLN A 5 13.95 -3.27 26.35
N PRO A 6 14.58 -2.18 26.79
CA PRO A 6 14.60 -0.96 25.99
C PRO A 6 15.51 -1.12 24.79
N LEU A 7 15.21 -0.37 23.72
CA LEU A 7 16.00 -0.41 22.51
C LEU A 7 17.31 0.32 22.74
N PRO A 8 18.43 -0.34 22.44
CA PRO A 8 19.74 0.26 22.60
C PRO A 8 20.02 1.20 21.44
N VAL A 9 20.47 2.41 21.74
CA VAL A 9 20.77 3.37 20.68
C VAL A 9 22.27 3.60 20.59
N PRO A 10 22.88 3.07 19.53
CA PRO A 10 24.32 3.23 19.32
C PRO A 10 24.69 4.71 19.41
N PRO A 11 25.78 5.00 20.10
CA PRO A 11 26.25 6.37 20.26
C PRO A 11 26.44 7.02 18.89
N LEU A 12 26.16 8.32 18.83
CA LEU A 12 26.32 9.06 17.58
C LEU A 12 27.74 9.55 17.42
N LEU A 13 28.34 9.24 16.28
CA LEU A 13 29.70 9.66 16.00
C LEU A 13 29.72 10.46 14.71
N GLU A 14 29.38 11.74 14.77
CA GLU A 14 29.39 12.53 13.55
C GLU A 14 30.78 13.01 13.19
N SER A 15 30.93 13.52 11.99
CA SER A 15 32.22 13.96 11.52
C SER A 15 32.50 15.27 12.17
N ARG A 16 31.82 16.26 11.62
CA ARG A 16 31.97 17.64 11.99
C ARG A 16 31.70 18.06 13.44
N ARG A 17 32.60 17.58 14.29
CA ARG A 17 32.77 17.95 15.69
C ARG A 17 33.94 17.30 16.43
N GLY A 18 34.30 16.06 16.14
CA GLY A 18 35.53 15.52 16.73
C GLY A 18 36.49 15.91 15.59
N GLN A 19 36.93 14.88 14.90
CA GLN A 19 37.32 14.88 13.53
C GLN A 19 38.45 14.14 12.83
N PRO A 20 38.85 13.02 13.40
CA PRO A 20 39.25 11.94 12.60
C PRO A 20 38.09 11.16 13.17
N LEU A 21 37.67 10.10 12.52
CA LEU A 21 36.57 9.27 13.04
C LEU A 21 37.32 7.98 13.27
N PHE A 22 37.46 7.61 14.54
CA PHE A 22 38.23 6.43 14.89
C PHE A 22 37.35 5.19 14.96
N MET A 23 37.50 4.35 13.96
CA MET A 23 36.74 3.11 13.86
C MET A 23 37.61 1.91 14.19
N THR A 24 37.52 1.44 15.43
CA THR A 24 38.31 0.29 15.86
C THR A 24 37.51 -1.01 15.90
N VAL A 25 37.77 -1.89 14.94
CA VAL A 25 37.11 -3.19 14.90
C VAL A 25 37.70 -3.96 16.08
N GLN A 26 36.85 -4.54 16.92
CA GLN A 26 37.34 -5.25 18.09
C GLN A 26 36.28 -6.16 18.66
N ARG A 27 36.69 -6.93 19.67
CA ARG A 27 35.81 -7.81 20.42
C ARG A 27 34.93 -6.99 21.34
N ALA A 28 34.21 -7.75 22.15
CA ALA A 28 32.81 -7.91 22.45
C ALA A 28 32.13 -7.72 23.77
N HIS A 29 31.56 -8.83 24.23
CA HIS A 29 30.72 -8.96 25.43
C HIS A 29 29.40 -8.19 25.33
N TRP A 30 28.40 -8.83 24.74
CA TRP A 30 27.08 -8.26 24.55
C TRP A 30 26.05 -9.20 25.15
N SER A 31 24.88 -8.67 25.50
CA SER A 31 23.81 -9.50 26.05
C SER A 31 22.65 -9.58 25.05
N PHE A 32 22.57 -10.69 24.33
CA PHE A 32 21.50 -10.88 23.36
C PHE A 32 20.23 -11.28 24.11
N THR A 33 20.40 -11.65 25.38
CA THR A 33 19.29 -12.04 26.24
C THR A 33 19.62 -11.81 27.71
N PRO A 34 18.58 -11.66 28.53
CA PRO A 34 18.75 -11.43 29.96
C PRO A 34 19.41 -12.60 30.66
N GLY A 35 20.35 -12.31 31.55
CA GLY A 35 21.04 -13.33 32.31
C GLY A 35 22.05 -14.09 31.46
N THR A 36 22.41 -13.51 30.33
CA THR A 36 23.38 -14.13 29.42
C THR A 36 24.41 -13.11 28.98
N ARG A 37 25.53 -13.62 28.47
CA ARG A 37 26.56 -12.78 27.89
C ARG A 37 27.38 -13.56 26.89
N ALA A 38 27.56 -12.98 25.71
CA ALA A 38 28.34 -13.62 24.67
C ALA A 38 29.42 -12.66 24.19
N SER A 39 30.51 -13.23 23.70
CA SER A 39 31.58 -12.44 23.12
C SER A 39 31.21 -12.32 21.64
N VAL A 40 30.98 -11.10 21.20
CA VAL A 40 30.62 -10.78 19.84
C VAL A 40 31.66 -9.92 19.12
N TRP A 41 31.26 -9.26 18.04
CA TRP A 41 32.15 -8.42 17.27
C TRP A 41 31.45 -7.10 17.00
N GLY A 42 32.22 -6.03 16.86
CA GLY A 42 31.63 -4.72 16.61
C GLY A 42 32.71 -3.66 16.45
N ILE A 43 32.33 -2.42 16.71
CA ILE A 43 33.25 -1.31 16.58
C ILE A 43 33.21 -0.44 17.84
N ASN A 44 34.36 -0.25 18.46
CA ASN A 44 34.46 0.57 19.67
C ASN A 44 33.80 -0.07 20.90
N GLY A 45 33.98 -1.38 21.06
CA GLY A 45 33.46 -2.11 22.23
C GLY A 45 31.96 -2.31 22.29
N ARG A 46 31.29 -2.26 21.15
CA ARG A 46 29.84 -2.46 21.11
C ARG A 46 29.51 -3.60 20.17
N TYR A 47 28.28 -4.08 20.23
CA TYR A 47 27.84 -5.08 19.27
C TYR A 47 27.41 -4.20 18.11
N LEU A 48 27.77 -4.58 16.89
CA LEU A 48 27.49 -3.74 15.74
C LEU A 48 28.41 -2.53 15.93
N GLY A 49 27.92 -1.32 15.66
CA GLY A 49 28.76 -0.15 15.84
C GLY A 49 28.00 1.12 16.20
N PRO A 50 28.71 2.25 16.17
CA PRO A 50 28.10 3.53 16.47
C PRO A 50 27.53 4.09 15.19
N THR A 51 26.49 4.90 15.29
CA THR A 51 25.91 5.51 14.11
C THR A 51 26.81 6.66 13.68
N ILE A 52 27.27 6.60 12.44
CA ILE A 52 28.15 7.63 11.90
C ILE A 52 27.33 8.72 11.20
N ARG A 53 27.70 9.97 11.43
CA ARG A 53 27.03 11.08 10.76
C ARG A 53 28.01 12.01 10.07
N VAL A 54 27.81 12.20 8.77
CA VAL A 54 28.64 13.09 7.98
C VAL A 54 27.73 14.05 7.23
N TRP A 55 28.31 15.10 6.66
CA TRP A 55 27.54 16.08 5.94
C TRP A 55 27.97 16.26 4.49
N LYS A 56 27.00 16.46 3.61
CA LYS A 56 27.27 16.67 2.19
C LYS A 56 28.29 17.81 2.08
N GLY A 57 29.31 17.60 1.25
CA GLY A 57 30.35 18.62 1.06
C GLY A 57 31.51 18.42 2.04
N ASP A 58 31.35 17.47 2.94
CA ASP A 58 32.39 17.19 3.93
C ASP A 58 33.53 16.38 3.30
N ASP A 59 34.71 16.48 3.88
CA ASP A 59 35.85 15.71 3.45
C ASP A 59 36.33 14.99 4.70
N VAL A 60 35.62 13.92 5.03
CA VAL A 60 35.86 13.16 6.25
C VAL A 60 37.09 12.28 6.31
N LYS A 61 37.74 12.28 7.47
CA LYS A 61 38.94 11.50 7.70
C LYS A 61 38.56 10.30 8.57
N LEU A 62 38.50 9.13 7.94
CA LEU A 62 38.15 7.90 8.64
C LEU A 62 39.42 7.12 8.93
N ILE A 63 39.55 6.66 10.16
CA ILE A 63 40.71 5.87 10.55
C ILE A 63 40.25 4.52 11.06
N TYR A 64 40.37 3.50 10.21
CA TYR A 64 39.98 2.14 10.58
C TYR A 64 41.16 1.40 11.17
N SER A 65 40.94 0.75 12.31
CA SER A 65 42.00 -0.01 12.97
C SER A 65 41.50 -1.42 13.26
N ASN A 66 42.19 -2.41 12.73
CA ASN A 66 41.79 -3.80 12.92
C ASN A 66 42.38 -4.46 14.18
N ARG A 67 41.55 -4.61 15.20
CA ARG A 67 41.95 -5.27 16.43
C ARG A 67 41.32 -6.65 16.53
N LEU A 68 40.91 -7.18 15.37
CA LEU A 68 40.28 -8.50 15.32
C LEU A 68 41.33 -9.58 15.11
N THR A 69 40.89 -10.83 15.11
CA THR A 69 41.78 -11.97 14.98
C THR A 69 41.86 -12.52 13.56
N GLU A 70 41.58 -11.67 12.59
CA GLU A 70 41.65 -12.07 11.19
C GLU A 70 41.62 -10.90 10.23
N ASN A 71 41.78 -11.19 8.95
CA ASN A 71 41.78 -10.15 7.92
C ASN A 71 40.39 -9.54 7.80
N VAL A 72 40.33 -8.22 7.67
CA VAL A 72 39.06 -7.51 7.58
C VAL A 72 39.08 -6.40 6.55
N SER A 73 38.00 -6.29 5.80
CA SER A 73 37.84 -5.24 4.80
C SER A 73 36.46 -4.62 5.00
N MET A 74 36.42 -3.32 5.27
CA MET A 74 35.17 -2.63 5.53
C MET A 74 34.71 -1.77 4.35
N THR A 75 33.40 -1.62 4.23
CA THR A 75 32.81 -0.83 3.17
C THR A 75 31.54 -0.14 3.66
N VAL A 76 31.16 0.94 2.98
CA VAL A 76 29.94 1.67 3.31
C VAL A 76 28.95 1.46 2.17
N ALA A 77 27.88 0.73 2.45
CA ALA A 77 26.88 0.43 1.44
C ALA A 77 26.08 1.67 1.01
N GLY A 78 26.17 2.03 -0.27
CA GLY A 78 25.45 3.17 -0.80
C GLY A 78 26.32 4.43 -0.87
N LEU A 79 27.59 4.33 -0.47
CA LEU A 79 28.49 5.46 -0.50
C LEU A 79 28.90 5.85 -1.93
N GLN A 80 28.89 7.16 -2.20
CA GLN A 80 29.25 7.67 -3.52
C GLN A 80 30.66 8.23 -3.52
N VAL A 81 31.62 7.36 -3.84
CA VAL A 81 33.03 7.73 -3.89
C VAL A 81 33.74 6.81 -4.89
N PRO A 82 34.94 7.20 -5.29
CA PRO A 82 35.71 6.40 -6.25
C PRO A 82 36.04 5.04 -5.65
N GLY A 83 36.20 4.05 -6.52
CA GLY A 83 36.50 2.68 -6.10
C GLY A 83 37.62 2.57 -5.06
N PRO A 84 38.66 3.38 -5.21
CA PRO A 84 39.79 3.31 -4.28
C PRO A 84 39.44 3.75 -2.86
N LEU A 85 38.22 4.20 -2.66
CA LEU A 85 37.79 4.65 -1.34
C LEU A 85 36.62 3.88 -0.75
N MET A 86 36.19 2.81 -1.41
CA MET A 86 35.04 2.03 -0.99
C MET A 86 35.33 1.09 0.17
N GLY A 87 36.37 0.31 -0.06
CA GLY A 87 36.77 -0.90 0.66
C GLY A 87 36.71 -1.65 -0.69
N GLY A 88 36.86 -2.97 -0.78
CA GLY A 88 36.94 -3.92 0.33
C GLY A 88 38.25 -4.71 0.19
N PRO A 89 38.30 -5.77 -0.65
CA PRO A 89 39.57 -6.53 -0.84
C PRO A 89 40.84 -5.78 -1.24
N ALA A 90 40.64 -4.67 -1.95
CA ALA A 90 41.76 -3.85 -2.36
C ALA A 90 42.35 -3.10 -1.18
N ARG A 91 41.55 -2.94 -0.12
CA ARG A 91 41.98 -2.24 1.08
C ARG A 91 41.90 -3.13 2.31
N MET A 92 42.15 -4.42 2.13
CA MET A 92 42.08 -5.35 3.25
C MET A 92 43.02 -4.99 4.39
N MET A 93 42.55 -5.22 5.61
CA MET A 93 43.34 -4.95 6.82
C MET A 93 43.62 -6.25 7.52
N SER A 94 44.90 -6.52 7.78
CA SER A 94 45.29 -7.71 8.51
C SER A 94 45.25 -7.34 9.99
N PRO A 95 45.32 -8.32 10.87
CA PRO A 95 45.27 -8.06 12.31
C PRO A 95 46.27 -6.98 12.71
N ASN A 96 45.78 -5.98 13.44
CA ASN A 96 46.61 -4.87 13.91
C ASN A 96 46.95 -3.88 12.80
N ALA A 97 46.36 -4.06 11.63
CA ALA A 97 46.59 -3.15 10.51
C ALA A 97 45.54 -2.03 10.53
N ASP A 98 45.88 -0.89 9.94
CA ASP A 98 44.94 0.23 9.89
C ASP A 98 44.86 0.89 8.52
N TRP A 99 43.70 1.47 8.23
CA TRP A 99 43.45 2.15 6.97
C TRP A 99 42.79 3.49 7.29
N ALA A 100 43.44 4.58 6.88
CA ALA A 100 42.93 5.92 7.17
C ALA A 100 42.62 6.76 5.93
N PRO A 101 41.52 6.45 5.26
CA PRO A 101 41.13 7.17 4.05
C PRO A 101 40.55 8.55 4.36
N VAL A 102 40.43 9.36 3.31
CA VAL A 102 39.85 10.70 3.42
C VAL A 102 38.69 10.75 2.43
N LEU A 103 37.47 10.59 2.94
CA LEU A 103 36.29 10.54 2.10
C LEU A 103 35.66 11.90 1.82
N PRO A 104 35.41 12.18 0.55
CA PRO A 104 34.74 13.40 0.15
C PRO A 104 33.26 13.08 -0.05
N ILE A 105 32.41 13.62 0.82
CA ILE A 105 30.97 13.39 0.73
C ILE A 105 30.38 14.37 -0.27
N ARG A 106 29.66 13.84 -1.25
CA ARG A 106 29.06 14.68 -2.29
C ARG A 106 27.67 14.22 -2.73
N GLN A 107 27.02 13.38 -1.93
CA GLN A 107 25.70 12.90 -2.28
C GLN A 107 24.61 13.50 -1.40
N ASN A 108 23.36 13.35 -1.82
CA ASN A 108 22.22 13.87 -1.06
C ASN A 108 22.04 13.08 0.22
N ALA A 109 21.33 13.67 1.19
CA ALA A 109 21.08 13.01 2.46
C ALA A 109 20.46 11.63 2.28
N ALA A 110 20.93 10.67 3.06
CA ALA A 110 20.40 9.30 2.96
C ALA A 110 20.80 8.45 4.16
N THR A 111 20.18 7.29 4.27
CA THR A 111 20.47 6.36 5.35
C THR A 111 21.26 5.21 4.74
N LEU A 112 22.56 5.20 4.99
CA LEU A 112 23.43 4.15 4.46
C LEU A 112 23.79 3.19 5.59
N TRP A 113 24.80 2.36 5.35
CA TRP A 113 25.28 1.43 6.36
C TRP A 113 26.62 0.85 5.97
N TYR A 114 27.45 0.60 6.96
CA TYR A 114 28.78 0.04 6.74
C TYR A 114 28.83 -1.36 7.33
N HIS A 115 29.72 -2.18 6.79
CA HIS A 115 29.84 -3.56 7.25
C HIS A 115 31.08 -4.17 6.60
N ALA A 116 31.49 -5.33 7.11
CA ALA A 116 32.63 -6.01 6.56
C ALA A 116 32.23 -6.71 5.26
N ASN A 117 33.13 -6.74 4.29
CA ASN A 117 32.85 -7.41 3.02
C ASN A 117 34.03 -8.30 2.61
N THR A 118 34.80 -8.70 3.61
CA THR A 118 35.96 -9.58 3.42
C THR A 118 35.57 -10.78 2.55
N PRO A 119 36.41 -11.09 1.57
CA PRO A 119 36.16 -12.19 0.64
C PRO A 119 36.05 -13.57 1.31
N ASN A 120 35.10 -14.37 0.84
CA ASN A 120 34.89 -15.73 1.35
C ASN A 120 34.51 -15.72 2.82
N ARG A 121 34.41 -14.54 3.43
CA ARG A 121 34.19 -14.43 4.86
C ARG A 121 33.18 -13.39 5.29
N THR A 122 32.47 -12.79 4.33
CA THR A 122 31.51 -11.73 4.63
C THR A 122 30.34 -12.15 5.51
N ALA A 123 29.71 -13.27 5.19
CA ALA A 123 28.57 -13.76 5.96
C ALA A 123 28.87 -13.92 7.44
N GLN A 124 30.00 -14.54 7.76
CA GLN A 124 30.38 -14.78 9.15
C GLN A 124 30.83 -13.51 9.88
N GLN A 125 31.46 -12.59 9.16
CA GLN A 125 31.92 -11.35 9.77
C GLN A 125 30.76 -10.42 10.10
N VAL A 126 29.81 -10.31 9.18
CA VAL A 126 28.65 -9.45 9.40
C VAL A 126 27.78 -10.05 10.50
N TYR A 127 27.60 -11.36 10.44
CA TYR A 127 26.80 -12.07 11.44
C TYR A 127 27.41 -11.94 12.83
N ASN A 128 28.71 -11.67 12.89
CA ASN A 128 29.39 -11.54 14.18
C ASN A 128 29.10 -10.21 14.86
N GLY A 129 28.41 -9.31 14.15
CA GLY A 129 28.06 -8.01 14.71
C GLY A 129 28.93 -6.91 14.13
N LEU A 130 29.61 -7.21 13.04
CA LEU A 130 30.48 -6.24 12.39
C LEU A 130 29.74 -5.41 11.35
N ALA A 131 28.89 -4.49 11.82
CA ALA A 131 28.13 -3.62 10.93
C ALA A 131 27.55 -2.46 11.74
N GLY A 132 27.00 -1.47 11.05
CA GLY A 132 26.42 -0.31 11.71
C GLY A 132 25.76 0.67 10.75
N MET A 133 25.14 1.70 11.32
CA MET A 133 24.47 2.71 10.51
C MET A 133 25.36 3.86 10.11
N TRP A 134 25.06 4.45 8.97
CA TRP A 134 25.82 5.55 8.40
C TRP A 134 24.81 6.56 7.86
N LEU A 135 24.85 7.77 8.38
CA LEU A 135 23.91 8.81 7.97
C LEU A 135 24.58 9.94 7.22
N VAL A 136 23.91 10.42 6.17
CA VAL A 136 24.41 11.53 5.37
C VAL A 136 23.40 12.65 5.45
N GLU A 137 23.78 13.75 6.10
CA GLU A 137 22.89 14.89 6.26
C GLU A 137 23.21 15.99 5.26
N ASP A 138 22.20 16.76 4.90
CA ASP A 138 22.37 17.87 3.98
C ASP A 138 21.43 19.03 4.35
N GLU A 139 21.26 19.98 3.45
CA GLU A 139 20.38 21.12 3.70
C GLU A 139 18.92 20.66 3.79
N VAL A 140 18.45 20.02 2.74
CA VAL A 140 17.09 19.52 2.66
C VAL A 140 16.63 18.78 3.92
N SER A 141 17.37 17.73 4.28
CA SER A 141 17.05 16.90 5.44
C SER A 141 16.71 17.66 6.72
N LYS A 142 17.68 18.40 7.25
CA LYS A 142 17.48 19.14 8.49
C LYS A 142 16.59 20.37 8.28
N SER A 143 16.01 20.49 7.09
CA SER A 143 15.15 21.61 6.77
C SER A 143 13.67 21.22 6.84
N LEU A 144 13.36 20.02 6.38
CA LEU A 144 11.98 19.53 6.41
C LEU A 144 11.46 19.54 7.84
N PRO A 145 10.15 19.61 7.99
CA PRO A 145 9.53 19.63 9.32
C PRO A 145 9.35 18.19 9.81
N ILE A 146 10.47 17.47 9.90
CA ILE A 146 10.46 16.08 10.34
C ILE A 146 11.39 15.86 11.52
N PRO A 147 11.06 14.89 12.37
CA PRO A 147 11.88 14.59 13.54
C PRO A 147 13.32 14.30 13.13
N ASN A 148 14.26 14.98 13.77
CA ASN A 148 15.67 14.80 13.45
C ASN A 148 16.59 14.81 14.66
N HIS A 149 16.00 14.59 15.84
CA HIS A 149 16.79 14.55 17.07
C HIS A 149 17.18 13.11 17.40
N TYR A 150 18.29 12.66 16.83
CA TYR A 150 18.79 11.31 17.03
C TYR A 150 18.76 10.86 18.50
N GLY A 151 18.21 9.67 18.73
CA GLY A 151 18.12 9.13 20.07
C GLY A 151 16.88 9.62 20.82
N VAL A 152 16.28 10.68 20.30
CA VAL A 152 15.08 11.24 20.94
C VAL A 152 13.82 10.92 20.14
N ASP A 153 13.71 11.48 18.93
CA ASP A 153 12.55 11.26 18.08
C ASP A 153 12.97 10.61 16.76
N ASP A 154 14.27 10.39 16.61
CA ASP A 154 14.83 9.77 15.42
C ASP A 154 15.68 8.57 15.83
N PHE A 155 15.21 7.37 15.49
CA PHE A 155 15.91 6.16 15.88
C PHE A 155 16.35 5.26 14.74
N PRO A 156 17.40 4.49 15.00
CA PRO A 156 17.92 3.53 14.04
C PRO A 156 17.38 2.14 14.41
N VAL A 157 16.64 1.54 13.50
CA VAL A 157 16.06 0.22 13.73
C VAL A 157 16.78 -0.83 12.89
N ILE A 158 17.90 -1.31 13.40
CA ILE A 158 18.69 -2.32 12.69
C ILE A 158 18.15 -3.71 12.99
N ILE A 159 17.31 -4.20 12.09
CA ILE A 159 16.67 -5.50 12.24
C ILE A 159 17.60 -6.67 11.95
N GLN A 160 17.67 -7.61 12.88
CA GLN A 160 18.52 -8.78 12.69
C GLN A 160 17.93 -10.14 13.02
N ASP A 161 18.47 -11.12 12.32
CA ASP A 161 18.05 -12.50 12.29
C ASP A 161 19.11 -13.38 12.96
N LYS A 162 18.82 -13.92 14.15
CA LYS A 162 19.81 -14.73 14.86
C LYS A 162 19.38 -16.11 15.35
N ARG A 163 20.38 -16.97 15.54
CA ARG A 163 20.19 -18.30 16.09
C ARG A 163 21.08 -18.33 17.33
N LEU A 164 20.51 -17.97 18.47
CA LEU A 164 21.29 -17.94 19.71
C LEU A 164 21.11 -19.25 20.47
N ASP A 165 22.22 -19.82 20.94
CA ASP A 165 22.16 -21.05 21.71
C ASP A 165 21.38 -20.77 23.00
N ASN A 166 21.27 -21.77 23.86
CA ASN A 166 20.54 -21.61 25.11
C ASN A 166 21.17 -20.59 26.06
N PHE A 167 22.50 -20.52 26.04
CA PHE A 167 23.22 -19.61 26.93
C PHE A 167 23.31 -18.17 26.45
N GLY A 168 22.79 -17.91 25.25
CA GLY A 168 22.76 -16.54 24.72
C GLY A 168 23.89 -16.20 23.75
N THR A 169 24.51 -17.21 23.16
CA THR A 169 25.58 -16.97 22.18
C THR A 169 25.08 -17.26 20.77
N PRO A 170 25.23 -16.28 19.88
CA PRO A 170 24.78 -16.44 18.51
C PRO A 170 25.62 -17.51 17.82
N GLU A 171 24.97 -18.56 17.33
CA GLU A 171 25.67 -19.63 16.65
C GLU A 171 25.36 -19.62 15.16
N TYR A 172 26.41 -19.75 14.35
CA TYR A 172 26.25 -19.74 12.90
C TYR A 172 26.73 -21.03 12.25
N ASN A 173 25.79 -21.95 12.02
CA ASN A 173 26.14 -23.22 11.39
C ASN A 173 25.84 -23.13 9.90
N GLU A 174 26.91 -23.08 9.11
CA GLU A 174 26.83 -22.89 7.66
C GLU A 174 25.72 -23.65 6.92
N PRO A 175 24.70 -22.92 6.46
CA PRO A 175 23.62 -23.56 5.69
C PRO A 175 24.22 -23.98 4.35
N GLY A 176 24.72 -23.02 3.60
CA GLY A 176 25.36 -23.30 2.31
C GLY A 176 24.40 -23.14 1.13
N SER A 177 23.52 -24.12 0.94
CA SER A 177 22.54 -24.07 -0.14
C SER A 177 21.50 -23.01 0.20
N GLY A 178 21.82 -21.76 -0.11
CA GLY A 178 20.93 -20.63 0.19
C GLY A 178 21.60 -19.74 1.23
N GLY A 179 20.84 -18.81 1.79
CA GLY A 179 21.37 -17.90 2.80
C GLY A 179 21.12 -18.44 4.20
N PHE A 180 21.54 -17.67 5.20
CA PHE A 180 21.33 -18.07 6.59
C PHE A 180 19.99 -17.56 7.08
N VAL A 181 19.26 -18.40 7.81
CA VAL A 181 17.97 -18.02 8.35
C VAL A 181 17.89 -18.35 9.83
N GLY A 182 17.59 -17.35 10.64
CA GLY A 182 17.51 -17.51 12.09
C GLY A 182 16.07 -17.59 12.57
N ASP A 183 15.89 -17.75 13.88
CA ASP A 183 14.56 -17.86 14.45
C ASP A 183 14.29 -16.80 15.52
N THR A 184 15.31 -15.98 15.81
CA THR A 184 15.17 -14.93 16.81
C THR A 184 15.36 -13.54 16.23
N LEU A 185 14.31 -12.73 16.30
CA LEU A 185 14.36 -11.35 15.80
C LEU A 185 15.15 -10.49 16.78
N LEU A 186 16.07 -9.71 16.24
CA LEU A 186 16.90 -8.83 17.04
C LEU A 186 16.85 -7.41 16.48
N VAL A 187 16.70 -6.43 17.36
CA VAL A 187 16.71 -5.04 16.94
C VAL A 187 17.77 -4.28 17.72
N ASN A 188 18.81 -3.84 17.01
CA ASN A 188 19.92 -3.12 17.63
C ASN A 188 20.68 -3.99 18.63
N GLY A 189 20.49 -5.31 18.53
CA GLY A 189 21.18 -6.25 19.39
C GLY A 189 20.29 -6.90 20.44
N VAL A 190 19.12 -6.32 20.68
CA VAL A 190 18.20 -6.86 21.67
C VAL A 190 16.96 -7.45 21.03
N GLN A 191 16.38 -8.46 21.66
CA GLN A 191 15.18 -9.13 21.13
C GLN A 191 13.93 -8.31 21.38
N SER A 192 13.16 -8.09 20.30
CA SER A 192 11.89 -7.36 20.35
C SER A 192 11.81 -6.26 21.41
N PRO A 193 12.76 -5.34 21.39
CA PRO A 193 12.79 -4.27 22.37
C PRO A 193 11.63 -3.30 22.23
N TYR A 194 11.53 -2.38 23.19
CA TYR A 194 10.51 -1.35 23.17
C TYR A 194 11.25 -0.02 23.21
N VAL A 195 10.71 0.98 22.53
CA VAL A 195 11.33 2.30 22.53
C VAL A 195 10.39 3.34 23.08
N GLU A 196 10.79 3.99 24.17
CA GLU A 196 9.98 5.01 24.80
C GLU A 196 10.10 6.33 24.05
N VAL A 197 9.04 6.69 23.34
CA VAL A 197 9.02 7.94 22.58
C VAL A 197 8.01 8.89 23.19
N SER A 198 8.08 10.16 22.78
CA SER A 198 7.18 11.18 23.27
C SER A 198 5.91 11.16 22.42
N ARG A 199 4.89 11.88 22.87
CA ARG A 199 3.64 11.94 22.13
C ARG A 199 3.74 12.92 20.97
N GLY A 200 4.13 12.39 19.81
CA GLY A 200 4.28 13.20 18.59
C GLY A 200 4.77 12.32 17.45
N TRP A 201 5.34 12.94 16.42
CA TRP A 201 5.85 12.20 15.26
C TRP A 201 7.18 11.54 15.59
N VAL A 202 7.31 10.27 15.22
CA VAL A 202 8.53 9.52 15.46
C VAL A 202 9.15 9.03 14.16
N ARG A 203 10.44 9.25 14.00
CA ARG A 203 11.16 8.85 12.80
C ARG A 203 11.96 7.57 13.04
N LEU A 204 11.70 6.56 12.22
CA LEU A 204 12.40 5.28 12.34
C LEU A 204 13.21 4.96 11.09
N ARG A 205 14.50 4.73 11.27
CA ARG A 205 15.36 4.37 10.15
C ARG A 205 15.56 2.87 10.18
N LEU A 206 14.76 2.16 9.38
CA LEU A 206 14.84 0.71 9.33
C LEU A 206 15.98 0.26 8.44
N LEU A 207 16.61 -0.84 8.83
CA LEU A 207 17.71 -1.40 8.07
C LEU A 207 17.75 -2.91 8.27
N ASN A 208 17.80 -3.64 7.17
CA ASN A 208 17.88 -5.09 7.24
C ASN A 208 19.34 -5.52 7.15
N ALA A 209 19.91 -5.92 8.28
CA ALA A 209 21.29 -6.37 8.33
C ALA A 209 21.31 -7.88 8.47
N SER A 210 20.33 -8.54 7.86
CA SER A 210 20.23 -9.99 7.91
C SER A 210 21.05 -10.59 6.77
N ASN A 211 21.47 -11.84 6.96
CA ASN A 211 22.28 -12.53 5.96
C ASN A 211 21.52 -12.82 4.68
N SER A 212 20.22 -13.06 4.80
CA SER A 212 19.39 -13.36 3.64
C SER A 212 17.90 -13.12 3.86
N ARG A 213 17.44 -13.30 5.09
CA ARG A 213 16.01 -13.13 5.40
C ARG A 213 15.44 -11.77 5.03
N ARG A 214 14.25 -11.79 4.43
CA ARG A 214 13.55 -10.58 4.02
C ARG A 214 12.26 -10.46 4.82
N TYR A 215 12.01 -9.29 5.39
CA TYR A 215 10.83 -9.10 6.23
C TYR A 215 9.76 -8.24 5.60
N GLN A 216 8.50 -8.53 5.97
CA GLN A 216 7.38 -7.73 5.53
C GLN A 216 6.73 -7.17 6.79
N LEU A 217 7.05 -5.92 7.09
CA LEU A 217 6.59 -5.24 8.30
C LEU A 217 5.23 -4.56 8.19
N GLN A 218 4.64 -4.29 9.35
CA GLN A 218 3.33 -3.67 9.44
C GLN A 218 3.03 -3.38 10.91
N MET A 219 2.10 -2.45 11.14
CA MET A 219 1.72 -2.10 12.52
C MET A 219 0.69 -3.08 13.03
N ASN A 220 0.86 -3.54 14.26
CA ASN A 220 -0.07 -4.50 14.85
C ASN A 220 -1.45 -3.89 15.12
N ASP A 221 -1.62 -2.62 14.76
CA ASP A 221 -2.89 -1.94 14.96
C ASP A 221 -3.61 -1.57 13.65
N GLY A 222 -2.99 -1.93 12.53
CA GLY A 222 -3.58 -1.68 11.21
C GLY A 222 -3.27 -0.32 10.58
N ARG A 223 -2.83 0.63 11.40
CA ARG A 223 -2.54 1.97 10.90
C ARG A 223 -1.59 1.95 9.71
N PRO A 224 -1.77 2.90 8.80
CA PRO A 224 -0.86 2.99 7.68
C PRO A 224 0.51 3.31 8.25
N LEU A 225 1.44 3.59 7.38
CA LEU A 225 2.81 3.72 7.81
C LEU A 225 3.49 4.61 6.77
N HIS A 226 3.97 5.76 7.22
CA HIS A 226 4.50 6.77 6.32
C HIS A 226 5.97 6.66 5.93
N VAL A 227 6.21 6.24 4.68
CA VAL A 227 7.56 6.10 4.16
C VAL A 227 8.03 7.41 3.53
N ILE A 228 9.28 7.77 3.83
CA ILE A 228 9.87 8.99 3.31
C ILE A 228 11.22 8.75 2.62
N SER A 229 11.72 7.52 2.75
CA SER A 229 12.99 7.12 2.15
C SER A 229 13.02 5.59 2.10
N GLY A 230 13.93 5.02 1.32
CA GLY A 230 14.88 5.79 0.54
C GLY A 230 16.31 5.29 0.74
N ASP A 231 16.67 4.23 0.03
CA ASP A 231 18.02 3.69 0.11
C ASP A 231 19.03 4.80 -0.14
N GLN A 232 18.76 5.61 -1.16
CA GLN A 232 19.66 6.69 -1.55
C GLN A 232 19.07 8.09 -1.37
N GLY A 233 18.04 8.22 -0.55
CA GLY A 233 17.46 9.53 -0.30
C GLY A 233 15.95 9.58 -0.16
N PHE A 234 15.45 10.76 0.18
CA PHE A 234 14.02 11.00 0.36
C PHE A 234 13.26 10.70 -0.92
N LEU A 235 11.98 10.37 -0.77
CA LEU A 235 11.11 10.15 -1.92
C LEU A 235 10.53 11.53 -2.25
N PRO A 236 10.00 11.70 -3.46
CA PRO A 236 9.41 12.97 -3.85
C PRO A 236 8.39 13.45 -2.83
N ALA A 237 7.66 12.49 -2.24
CA ALA A 237 6.64 12.79 -1.24
C ALA A 237 6.28 11.53 -0.47
N PRO A 238 5.85 11.70 0.78
CA PRO A 238 5.51 10.58 1.65
C PRO A 238 4.62 9.53 0.99
N VAL A 239 4.83 8.28 1.37
CA VAL A 239 4.08 7.16 0.83
C VAL A 239 3.46 6.39 2.00
N SER A 240 2.14 6.38 2.07
CA SER A 240 1.45 5.68 3.14
C SER A 240 1.08 4.27 2.69
N VAL A 241 1.62 3.27 3.38
CA VAL A 241 1.37 1.89 3.03
C VAL A 241 0.93 1.04 4.23
N LYS A 242 0.30 -0.09 3.93
CA LYS A 242 -0.16 -1.03 4.96
C LYS A 242 0.96 -1.99 5.32
N GLN A 243 1.62 -2.53 4.29
CA GLN A 243 2.73 -3.45 4.47
C GLN A 243 4.01 -2.90 3.86
N LEU A 244 5.15 -3.26 4.43
CA LEU A 244 6.44 -2.80 3.94
C LEU A 244 7.43 -3.95 3.77
N SER A 245 7.96 -4.10 2.55
CA SER A 245 8.94 -5.14 2.27
C SER A 245 10.35 -4.59 2.48
N LEU A 246 11.18 -5.35 3.20
CA LEU A 246 12.54 -4.91 3.51
C LEU A 246 13.55 -6.04 3.34
N ALA A 247 14.23 -6.04 2.20
CA ALA A 247 15.24 -7.05 1.90
C ALA A 247 16.58 -6.75 2.57
N PRO A 248 17.43 -7.76 2.68
CA PRO A 248 18.74 -7.59 3.30
C PRO A 248 19.51 -6.48 2.60
N GLY A 249 20.10 -5.58 3.39
CA GLY A 249 20.86 -4.47 2.83
C GLY A 249 19.97 -3.27 2.51
N GLU A 250 18.66 -3.49 2.54
CA GLU A 250 17.70 -2.43 2.26
C GLU A 250 17.48 -1.51 3.46
N ARG A 251 17.16 -0.26 3.18
CA ARG A 251 16.94 0.73 4.22
C ARG A 251 15.72 1.60 3.89
N ARG A 252 14.94 1.93 4.90
CA ARG A 252 13.75 2.75 4.72
C ARG A 252 13.45 3.60 5.94
N GLU A 253 13.09 4.85 5.73
CA GLU A 253 12.74 5.75 6.82
C GLU A 253 11.23 5.93 6.85
N ILE A 254 10.63 5.66 8.00
CA ILE A 254 9.18 5.81 8.14
C ILE A 254 8.87 6.78 9.28
N LEU A 255 7.74 7.47 9.16
CA LEU A 255 7.30 8.42 10.17
C LEU A 255 6.09 7.84 10.89
N VAL A 256 6.13 7.83 12.22
CA VAL A 256 5.03 7.30 13.01
C VAL A 256 4.43 8.38 13.91
N ASP A 257 3.11 8.49 13.88
CA ASP A 257 2.40 9.48 14.70
C ASP A 257 1.93 8.86 16.01
N MET A 258 2.65 9.15 17.08
CA MET A 258 2.31 8.62 18.40
C MET A 258 1.60 9.67 19.25
N SER A 259 0.66 10.39 18.63
CA SER A 259 -0.09 11.44 19.33
C SER A 259 -1.32 10.90 20.07
N ASN A 260 -2.00 9.93 19.46
CA ASN A 260 -3.19 9.34 20.08
C ASN A 260 -2.85 8.88 21.49
N GLY A 261 -1.58 8.50 21.67
CA GLY A 261 -1.09 8.08 22.98
C GLY A 261 -0.97 6.57 23.14
N ASP A 262 -1.82 5.80 22.47
CA ASP A 262 -1.75 4.36 22.63
C ASP A 262 -0.59 3.64 21.93
N GLU A 263 -0.03 2.68 22.65
CA GLU A 263 1.12 1.86 22.25
C GLU A 263 0.95 1.12 20.93
N VAL A 264 1.99 1.17 20.09
CA VAL A 264 1.96 0.47 18.82
C VAL A 264 3.25 -0.30 18.54
N SER A 265 3.12 -1.48 17.94
CA SER A 265 4.28 -2.33 17.65
C SER A 265 4.42 -2.70 16.18
N ILE A 266 5.65 -2.89 15.73
CA ILE A 266 5.93 -3.30 14.36
C ILE A 266 6.09 -4.82 14.32
N THR A 267 5.39 -5.45 13.38
CA THR A 267 5.45 -6.90 13.24
C THR A 267 5.89 -7.27 11.83
N CYS A 268 6.29 -8.53 11.65
CA CYS A 268 6.75 -8.98 10.33
C CYS A 268 5.98 -10.20 9.82
N ILE A 287 11.09 -21.11 11.07
CA ILE A 287 10.10 -20.17 11.58
C ILE A 287 10.68 -19.30 12.69
N LEU A 288 10.05 -18.16 12.94
CA LEU A 288 10.50 -17.25 13.98
C LEU A 288 9.70 -17.47 15.26
N VAL A 289 10.38 -17.35 16.40
CA VAL A 289 9.75 -17.53 17.69
C VAL A 289 8.76 -16.39 17.97
N SER A 290 9.16 -15.18 17.59
CA SER A 290 8.32 -14.01 17.79
C SER A 290 8.29 -13.13 16.54
N THR A 291 7.11 -12.60 16.21
CA THR A 291 6.95 -11.74 15.05
C THR A 291 6.97 -10.27 15.45
N LEU A 292 7.28 -10.01 16.72
CA LEU A 292 7.34 -8.65 17.21
C LEU A 292 8.72 -8.06 16.96
N VAL A 293 8.76 -6.94 16.23
CA VAL A 293 10.02 -6.27 15.91
C VAL A 293 10.36 -5.22 16.96
N LEU A 294 9.52 -4.19 17.04
CA LEU A 294 9.75 -3.11 17.98
C LEU A 294 8.43 -2.51 18.48
N THR A 295 8.43 -2.11 19.74
CA THR A 295 7.24 -1.51 20.35
C THR A 295 7.50 -0.05 20.69
N LEU A 296 6.57 0.82 20.31
CA LEU A 296 6.71 2.24 20.60
C LEU A 296 5.74 2.62 21.71
N ARG A 297 6.26 3.20 22.79
CA ARG A 297 5.40 3.61 23.90
C ARG A 297 5.58 5.06 24.29
N PRO A 298 4.49 5.82 24.19
CA PRO A 298 4.48 7.24 24.54
C PRO A 298 4.90 7.40 25.99
N THR A 299 5.78 8.38 26.23
CA THR A 299 6.29 8.60 27.58
C THR A 299 6.03 9.99 28.13
N GLY A 300 4.78 10.25 28.52
CA GLY A 300 4.46 11.51 29.15
C GLY A 300 3.52 12.48 28.43
N LEU A 301 3.77 13.76 28.68
CA LEU A 301 2.97 14.86 28.16
C LEU A 301 2.87 15.02 26.64
N LEU A 302 2.16 16.06 26.20
CA LEU A 302 1.89 16.33 24.78
C LEU A 302 2.80 17.40 24.14
N PRO A 303 2.50 17.82 22.90
CA PRO A 303 3.32 18.83 22.23
C PRO A 303 3.19 20.30 22.65
N LEU A 304 2.28 21.14 22.10
CA LEU A 304 1.16 20.88 21.15
C LEU A 304 1.24 22.06 20.14
N VAL A 305 0.54 22.08 18.99
CA VAL A 305 -0.31 21.05 18.35
C VAL A 305 0.55 20.61 17.16
N THR A 306 1.64 19.93 17.50
CA THR A 306 2.66 19.54 16.52
C THR A 306 2.27 18.73 15.27
N ASP A 307 3.16 18.94 14.29
CA ASP A 307 3.20 18.64 12.85
C ASP A 307 2.52 17.54 12.02
N SER A 308 1.61 17.93 11.14
CA SER A 308 1.08 16.95 10.18
C SER A 308 2.16 16.70 9.12
N LEU A 309 2.06 15.56 8.43
CA LEU A 309 3.04 15.16 7.43
C LEU A 309 3.27 16.24 6.37
N PRO A 310 4.52 16.44 5.97
CA PRO A 310 4.78 17.41 4.91
C PRO A 310 4.14 16.77 3.67
N MET A 311 3.83 17.60 2.69
CA MET A 311 3.18 17.15 1.46
C MET A 311 4.20 16.68 0.44
N ARG A 312 5.38 17.26 0.50
CA ARG A 312 6.44 16.96 -0.44
C ARG A 312 7.78 17.05 0.25
N LEU A 313 8.59 16.02 0.08
CA LEU A 313 9.91 15.96 0.68
C LEU A 313 10.94 16.54 -0.27
N LEU A 314 11.14 15.86 -1.40
CA LEU A 314 12.10 16.30 -2.40
C LEU A 314 11.61 17.58 -3.09
N PRO A 315 12.41 18.62 -3.01
CA PRO A 315 12.07 19.90 -3.62
C PRO A 315 11.75 19.65 -5.09
N THR A 316 12.57 18.83 -5.73
CA THR A 316 12.39 18.51 -7.14
C THR A 316 12.52 17.01 -7.38
N GLU A 317 11.51 16.42 -8.00
CA GLU A 317 11.52 15.01 -8.33
C GLU A 317 12.43 14.80 -9.54
N ILE A 318 13.61 15.38 -9.50
CA ILE A 318 14.59 15.26 -10.59
C ILE A 318 14.85 13.77 -10.85
N MET A 319 14.35 13.26 -11.97
CA MET A 319 14.45 11.83 -12.27
C MET A 319 15.29 11.35 -13.47
N ALA A 320 15.19 10.05 -13.76
CA ALA A 320 15.95 9.36 -14.81
C ALA A 320 16.06 9.97 -16.18
N GLY A 321 17.22 9.77 -16.78
CA GLY A 321 17.51 10.20 -18.14
C GLY A 321 17.58 8.98 -19.06
N SER A 322 17.94 9.21 -20.31
CA SER A 322 18.02 8.15 -21.30
C SER A 322 19.27 7.28 -21.24
N PRO A 323 19.06 5.97 -21.34
CA PRO A 323 20.14 4.99 -21.32
C PRO A 323 20.80 4.85 -22.70
N ILE A 324 22.10 4.61 -22.71
CA ILE A 324 22.85 4.47 -23.95
C ILE A 324 23.36 3.04 -24.10
N ARG A 325 23.14 2.24 -23.07
CA ARG A 325 23.63 0.87 -23.05
C ARG A 325 22.77 0.01 -22.13
N SER A 326 22.55 -1.24 -22.52
CA SER A 326 21.73 -2.15 -21.73
C SER A 326 22.50 -3.42 -21.34
N ARG A 327 22.17 -3.96 -20.17
CA ARG A 327 22.84 -5.17 -19.69
C ARG A 327 21.88 -6.25 -19.24
N ASP A 328 22.39 -7.48 -19.15
CA ASP A 328 21.60 -8.61 -18.71
C ASP A 328 22.36 -9.31 -17.59
N ILE A 329 21.92 -9.11 -16.36
CA ILE A 329 22.57 -9.72 -15.20
C ILE A 329 21.72 -10.92 -14.78
N SER A 330 22.33 -12.10 -14.75
CA SER A 330 21.59 -13.30 -14.40
C SER A 330 22.17 -14.02 -13.20
N LEU A 331 21.30 -14.33 -12.24
CA LEU A 331 21.71 -15.13 -11.09
C LEU A 331 20.81 -16.37 -11.18
N GLY A 332 20.60 -17.09 -10.09
CA GLY A 332 19.76 -18.25 -10.27
C GLY A 332 19.53 -19.14 -9.08
N ASP A 333 20.21 -20.29 -9.09
CA ASP A 333 20.03 -21.25 -8.03
C ASP A 333 21.38 -21.61 -7.42
N ASP A 334 22.44 -21.37 -8.20
CA ASP A 334 23.79 -21.62 -7.70
C ASP A 334 24.62 -20.34 -7.75
N PRO A 335 25.71 -20.32 -6.98
CA PRO A 335 26.58 -19.15 -6.91
C PRO A 335 27.14 -18.75 -8.26
N GLY A 336 27.32 -17.45 -8.44
CA GLY A 336 27.88 -16.91 -9.68
C GLY A 336 26.89 -16.03 -10.42
N ILE A 337 27.41 -15.13 -11.24
CA ILE A 337 26.59 -14.25 -12.05
C ILE A 337 26.87 -14.55 -13.52
N ASN A 338 25.82 -14.84 -14.28
CA ASN A 338 25.96 -15.20 -15.69
C ASN A 338 26.85 -16.44 -15.83
N GLY A 339 26.70 -17.36 -14.88
CA GLY A 339 27.45 -18.61 -14.88
C GLY A 339 28.94 -18.47 -14.60
N GLN A 340 29.35 -17.33 -14.03
CA GLN A 340 30.75 -17.11 -13.71
C GLN A 340 30.98 -16.77 -12.25
N LEU A 341 32.04 -17.31 -11.68
CA LEU A 341 32.37 -17.06 -10.28
C LEU A 341 33.27 -15.83 -10.17
N TRP A 342 33.16 -15.12 -9.05
CA TRP A 342 33.96 -13.93 -8.83
C TRP A 342 35.43 -14.15 -9.14
N ASP A 343 36.01 -13.21 -9.89
CA ASP A 343 37.42 -13.27 -10.27
C ASP A 343 38.00 -11.88 -10.11
N VAL A 344 38.95 -11.74 -9.19
CA VAL A 344 39.59 -10.45 -8.93
C VAL A 344 40.27 -9.88 -10.17
N ASN A 345 40.69 -10.76 -11.08
CA ASN A 345 41.40 -10.33 -12.27
C ASN A 345 40.50 -10.16 -13.50
N ARG A 346 39.20 -10.33 -13.30
CA ARG A 346 38.25 -10.20 -14.41
C ARG A 346 37.33 -8.99 -14.24
N ILE A 347 37.23 -8.18 -15.28
CA ILE A 347 36.32 -7.03 -15.28
C ILE A 347 35.09 -7.49 -16.04
N ASP A 348 33.97 -7.56 -15.34
CA ASP A 348 32.72 -8.05 -15.91
C ASP A 348 31.87 -6.99 -16.62
N VAL A 349 32.00 -5.74 -16.21
CA VAL A 349 31.23 -4.66 -16.81
C VAL A 349 32.02 -3.37 -16.89
N THR A 350 32.03 -2.76 -18.07
CA THR A 350 32.74 -1.50 -18.28
C THR A 350 31.79 -0.40 -18.70
N ALA A 351 31.45 0.46 -17.75
CA ALA A 351 30.56 1.58 -18.02
C ALA A 351 31.33 2.88 -18.15
N GLN A 352 30.61 3.93 -18.58
CA GLN A 352 31.20 5.25 -18.77
C GLN A 352 30.67 6.20 -17.69
N GLN A 353 31.58 6.90 -17.01
CA GLN A 353 31.14 7.81 -15.97
C GLN A 353 30.20 8.89 -16.51
N GLY A 354 29.12 9.13 -15.81
CA GLY A 354 28.14 10.14 -16.22
C GLY A 354 27.19 9.70 -17.32
N THR A 355 26.97 8.40 -17.46
CA THR A 355 26.04 7.89 -18.47
C THR A 355 24.92 7.17 -17.77
N TRP A 356 23.93 6.77 -18.55
CA TRP A 356 22.79 6.03 -18.05
C TRP A 356 22.75 4.67 -18.73
N GLU A 357 22.45 3.64 -17.95
CA GLU A 357 22.37 2.29 -18.49
C GLU A 357 21.12 1.61 -17.96
N ARG A 358 20.65 0.59 -18.67
CA ARG A 358 19.49 -0.15 -18.23
C ARG A 358 19.90 -1.59 -17.95
N TRP A 359 19.87 -1.97 -16.68
CA TRP A 359 20.26 -3.30 -16.28
C TRP A 359 19.05 -4.19 -16.01
N THR A 360 19.03 -5.35 -16.65
CA THR A 360 17.95 -6.31 -16.43
C THR A 360 18.49 -7.41 -15.54
N VAL A 361 18.09 -7.41 -14.28
CA VAL A 361 18.54 -8.43 -13.33
C VAL A 361 17.49 -9.52 -13.16
N ARG A 362 17.92 -10.77 -13.26
CA ARG A 362 17.03 -11.92 -13.13
C ARG A 362 17.52 -12.89 -12.07
N ALA A 363 16.60 -13.59 -11.43
CA ALA A 363 16.97 -14.54 -10.39
C ALA A 363 15.92 -15.63 -10.24
N ASP A 364 16.32 -16.87 -10.46
CA ASP A 364 15.41 -18.00 -10.32
C ASP A 364 15.08 -18.12 -8.85
N GLU A 365 16.11 -18.06 -8.02
CA GLU A 365 15.95 -18.16 -6.57
C GLU A 365 16.04 -16.77 -5.95
N PRO A 366 14.95 -16.33 -5.34
CA PRO A 366 14.84 -14.99 -4.76
C PRO A 366 16.02 -14.53 -3.94
N GLN A 367 16.43 -13.28 -4.13
CA GLN A 367 17.55 -12.73 -3.39
C GLN A 367 17.74 -11.24 -3.67
N ALA A 368 18.48 -10.58 -2.80
CA ALA A 368 18.75 -9.15 -2.95
C ALA A 368 19.96 -8.95 -3.86
N PHE A 369 19.97 -7.84 -4.59
CA PHE A 369 21.05 -7.52 -5.51
C PHE A 369 21.52 -6.10 -5.20
N HIS A 370 22.84 -5.91 -5.13
CA HIS A 370 23.41 -4.61 -4.79
C HIS A 370 24.46 -4.18 -5.80
N ILE A 371 24.53 -2.87 -6.04
CA ILE A 371 25.53 -2.30 -6.94
C ILE A 371 26.25 -1.13 -6.27
N GLU A 372 27.56 -1.23 -6.16
CA GLU A 372 28.36 -0.18 -5.53
C GLU A 372 28.63 1.00 -6.45
N GLY A 373 29.07 2.11 -5.86
CA GLY A 373 29.42 3.31 -6.60
C GLY A 373 28.37 3.83 -7.59
N VAL A 374 27.14 3.35 -7.47
CA VAL A 374 26.08 3.81 -8.35
C VAL A 374 24.76 4.01 -7.62
N MET A 375 23.77 4.50 -8.35
CA MET A 375 22.43 4.69 -7.83
C MET A 375 21.47 4.46 -8.99
N PHE A 376 20.32 3.86 -8.71
CA PHE A 376 19.38 3.54 -9.77
C PHE A 376 17.94 3.69 -9.35
N GLN A 377 17.05 3.58 -10.32
CA GLN A 377 15.62 3.62 -10.08
C GLN A 377 15.02 2.36 -10.65
N ILE A 378 14.17 1.70 -9.88
CA ILE A 378 13.50 0.50 -10.37
C ILE A 378 12.40 0.95 -11.31
N ARG A 379 12.51 0.56 -12.57
CA ARG A 379 11.54 0.96 -13.60
C ARG A 379 10.47 -0.10 -13.83
N ASN A 380 10.83 -1.35 -13.61
CA ASN A 380 9.92 -2.45 -13.81
C ASN A 380 10.18 -3.59 -12.82
N VAL A 381 9.13 -4.33 -12.49
CA VAL A 381 9.25 -5.47 -11.60
C VAL A 381 8.39 -6.61 -12.16
N ASN A 382 9.03 -7.50 -12.90
CA ASN A 382 8.32 -8.63 -13.50
C ASN A 382 7.34 -8.20 -14.57
N GLY A 383 7.69 -7.14 -15.30
CA GLY A 383 6.82 -6.63 -16.36
C GLY A 383 5.74 -5.75 -15.73
N ALA A 384 5.79 -5.64 -14.41
CA ALA A 384 4.84 -4.82 -13.66
C ALA A 384 5.54 -3.56 -13.15
N MET A 385 4.81 -2.75 -12.39
CA MET A 385 5.37 -1.51 -11.88
C MET A 385 5.77 -1.65 -10.41
N PRO A 386 6.87 -0.99 -10.03
CA PRO A 386 7.37 -1.07 -8.67
C PRO A 386 6.48 -0.27 -7.72
N PHE A 387 6.59 -0.57 -6.44
CA PHE A 387 5.76 0.10 -5.43
C PHE A 387 6.13 1.57 -5.22
N PRO A 388 5.28 2.29 -4.49
CA PRO A 388 5.46 3.73 -4.29
C PRO A 388 6.80 4.48 -4.10
N GLU A 389 7.63 4.32 -3.07
CA GLU A 389 7.93 3.25 -2.13
C GLU A 389 9.27 2.66 -2.59
N ASP A 390 9.31 2.21 -3.85
CA ASP A 390 10.54 1.70 -4.46
C ASP A 390 10.85 2.57 -5.67
N ARG A 391 10.15 3.70 -5.78
CA ARG A 391 10.31 4.62 -6.91
C ARG A 391 11.31 5.76 -6.69
N GLY A 392 12.12 5.67 -5.64
CA GLY A 392 13.13 6.68 -5.38
C GLY A 392 14.49 6.16 -5.83
N TRP A 393 15.56 6.76 -5.32
CA TRP A 393 16.92 6.35 -5.64
C TRP A 393 17.33 5.19 -4.74
N LYS A 394 17.88 4.14 -5.34
CA LYS A 394 18.27 2.96 -4.59
C LYS A 394 19.63 2.41 -5.01
N ASP A 395 20.10 1.41 -4.27
CA ASP A 395 21.36 0.75 -4.56
C ASP A 395 21.23 -0.74 -4.25
N THR A 396 20.07 -1.12 -3.73
CA THR A 396 19.78 -2.50 -3.39
C THR A 396 18.34 -2.82 -3.77
N VAL A 397 18.13 -3.96 -4.41
CA VAL A 397 16.79 -4.35 -4.84
C VAL A 397 16.55 -5.83 -4.64
N TRP A 398 15.30 -6.18 -4.36
CA TRP A 398 14.94 -7.57 -4.16
C TRP A 398 14.55 -8.16 -5.50
N VAL A 399 15.14 -9.29 -5.85
CA VAL A 399 14.82 -9.92 -7.11
C VAL A 399 14.24 -11.30 -6.97
N ASP A 400 13.09 -11.48 -7.62
CA ASP A 400 12.46 -12.77 -7.67
C ASP A 400 11.89 -12.94 -9.05
N GLY A 401 12.77 -13.16 -10.02
CA GLY A 401 12.37 -13.33 -11.40
C GLY A 401 13.12 -12.37 -12.32
N GLN A 402 12.79 -11.10 -12.22
CA GLN A 402 13.42 -10.12 -13.09
C GLN A 402 12.97 -8.70 -12.77
N VAL A 403 13.92 -7.77 -12.82
CA VAL A 403 13.62 -6.37 -12.54
C VAL A 403 14.45 -5.53 -13.50
N GLU A 404 13.93 -4.37 -13.86
CA GLU A 404 14.64 -3.45 -14.74
C GLU A 404 15.05 -2.22 -13.97
N LEU A 405 16.35 -1.95 -13.94
CA LEU A 405 16.87 -0.80 -13.22
C LEU A 405 17.48 0.25 -14.15
N LEU A 406 17.18 1.51 -13.87
CA LEU A 406 17.75 2.61 -14.64
C LEU A 406 18.95 3.06 -13.80
N VAL A 407 20.14 2.69 -14.26
CA VAL A 407 21.37 2.95 -13.52
C VAL A 407 22.13 4.19 -13.98
N TYR A 408 22.67 4.92 -13.00
CA TYR A 408 23.48 6.09 -13.30
C TYR A 408 24.86 5.95 -12.66
N PHE A 409 25.90 6.01 -13.48
CA PHE A 409 27.27 5.86 -13.00
C PHE A 409 27.96 7.22 -12.85
N GLY A 410 27.86 7.80 -11.65
CA GLY A 410 28.44 9.11 -11.38
C GLY A 410 29.84 9.05 -10.77
N GLN A 411 30.34 7.85 -10.50
CA GLN A 411 31.67 7.69 -9.91
C GLN A 411 32.59 6.82 -10.77
N PRO A 412 33.89 7.08 -10.67
CA PRO A 412 34.87 6.33 -11.44
C PRO A 412 35.51 5.19 -10.64
N SER A 413 36.05 4.20 -11.35
CA SER A 413 36.71 3.08 -10.71
C SER A 413 37.90 2.63 -11.54
N TRP A 414 38.77 1.83 -10.94
CA TRP A 414 39.97 1.32 -11.62
C TRP A 414 39.90 -0.18 -11.71
N ALA A 415 40.60 -0.74 -12.69
CA ALA A 415 40.59 -2.19 -12.91
C ALA A 415 40.99 -2.99 -11.67
N HIS A 416 41.85 -2.39 -10.84
CA HIS A 416 42.35 -3.06 -9.64
C HIS A 416 41.73 -2.48 -8.36
N PHE A 417 40.77 -1.57 -8.54
CA PHE A 417 40.04 -0.95 -7.44
C PHE A 417 38.65 -0.72 -8.03
N PRO A 418 38.03 -1.79 -8.51
CA PRO A 418 36.74 -1.68 -9.16
C PRO A 418 35.59 -1.55 -8.19
N PHE A 419 34.39 -1.49 -8.75
CA PHE A 419 33.18 -1.43 -7.95
C PHE A 419 32.61 -2.85 -7.99
N TYR A 420 31.79 -3.20 -7.03
CA TYR A 420 31.22 -4.54 -7.02
C TYR A 420 29.70 -4.53 -7.07
N PHE A 421 29.14 -5.38 -7.91
CA PHE A 421 27.72 -5.61 -7.91
C PHE A 421 27.65 -7.05 -7.44
N ASN A 422 26.78 -7.32 -6.49
CA ASN A 422 26.75 -8.65 -5.91
C ASN A 422 25.38 -9.13 -5.48
N SER A 423 25.31 -10.42 -5.17
CA SER A 423 24.11 -11.01 -4.62
C SER A 423 24.19 -10.57 -3.16
N GLN A 424 23.08 -10.05 -2.64
CA GLN A 424 23.04 -9.51 -1.30
C GLN A 424 22.75 -10.58 -0.23
N THR A 425 22.68 -11.83 -0.68
CA THR A 425 22.51 -12.97 0.22
C THR A 425 23.94 -13.37 0.56
N LEU A 426 24.41 -12.90 1.70
CA LEU A 426 25.80 -13.10 2.11
C LEU A 426 26.47 -14.46 1.84
N GLU A 427 25.75 -15.54 2.10
CA GLU A 427 26.30 -16.88 1.87
C GLU A 427 26.65 -17.14 0.41
N MET A 428 26.02 -16.40 -0.50
CA MET A 428 26.28 -16.57 -1.91
C MET A 428 27.33 -15.64 -2.48
N ALA A 429 27.43 -14.43 -1.91
CA ALA A 429 28.47 -13.51 -2.34
C ALA A 429 29.79 -14.16 -1.94
N ASP A 430 29.86 -14.59 -0.69
CA ASP A 430 31.04 -15.26 -0.13
C ASP A 430 31.41 -16.49 -0.93
N ARG A 431 30.57 -16.81 -1.90
CA ARG A 431 30.70 -18.04 -2.66
C ARG A 431 30.94 -17.91 -4.16
N GLY A 432 31.04 -16.68 -4.65
CA GLY A 432 31.30 -16.46 -6.07
C GLY A 432 30.27 -15.56 -6.76
N SER A 433 29.17 -15.28 -6.07
CA SER A 433 28.13 -14.43 -6.64
C SER A 433 28.52 -12.95 -6.57
N ILE A 434 29.67 -12.62 -7.15
CA ILE A 434 30.15 -11.24 -7.18
C ILE A 434 30.71 -10.88 -8.55
N GLY A 435 30.42 -9.67 -8.99
CA GLY A 435 30.92 -9.18 -10.27
C GLY A 435 31.67 -7.87 -10.05
N GLN A 436 32.62 -7.58 -10.93
CA GLN A 436 33.41 -6.36 -10.82
C GLN A 436 33.05 -5.37 -11.92
N LEU A 437 32.68 -4.16 -11.51
CA LEU A 437 32.29 -3.12 -12.46
C LEU A 437 33.36 -2.04 -12.56
N LEU A 438 33.78 -1.74 -13.79
CA LEU A 438 34.78 -0.71 -14.04
C LEU A 438 34.13 0.51 -14.70
N VAL A 439 34.16 1.64 -14.01
CA VAL A 439 33.58 2.88 -14.53
C VAL A 439 34.67 3.84 -15.01
N ASN A 440 34.70 4.10 -16.31
CA ASN A 440 35.68 5.01 -16.91
C ASN A 440 35.28 6.49 -16.83
N PRO A 441 36.22 7.33 -16.43
CA PRO A 441 36.04 8.80 -16.38
C PRO A 441 36.37 9.21 -17.80
N VAL A 442 36.05 10.43 -18.27
CA VAL A 442 35.21 11.49 -17.69
C VAL A 442 35.38 12.78 -18.47
N GLY B 2 -13.00 -24.73 -22.11
CA GLY B 2 -12.85 -23.58 -21.24
C GLY B 2 -13.60 -23.75 -19.92
N GLN B 3 -12.94 -24.32 -18.92
CA GLN B 3 -13.52 -24.40 -17.61
C GLN B 3 -13.12 -23.02 -17.10
N GLN B 4 -13.86 -22.46 -16.16
CA GLN B 4 -13.66 -21.08 -15.70
C GLN B 4 -14.24 -20.17 -16.76
N GLN B 5 -15.55 -19.95 -16.61
CA GLN B 5 -16.39 -19.16 -17.47
C GLN B 5 -15.99 -17.70 -17.55
N PRO B 6 -16.49 -17.05 -18.60
CA PRO B 6 -16.29 -15.63 -18.84
C PRO B 6 -17.11 -14.77 -17.89
N LEU B 7 -16.72 -13.51 -17.78
CA LEU B 7 -17.42 -12.57 -16.92
C LEU B 7 -18.55 -11.95 -17.74
N PRO B 8 -19.76 -11.99 -17.19
CA PRO B 8 -20.92 -11.42 -17.85
C PRO B 8 -20.81 -9.90 -17.74
N VAL B 9 -21.03 -9.19 -18.84
CA VAL B 9 -20.96 -7.74 -18.83
C VAL B 9 -22.35 -7.17 -19.06
N PRO B 10 -23.00 -6.75 -17.98
CA PRO B 10 -24.35 -6.18 -18.04
C PRO B 10 -24.46 -5.16 -19.16
N PRO B 11 -25.49 -5.30 -19.98
CA PRO B 11 -25.70 -4.38 -21.10
C PRO B 11 -25.63 -2.94 -20.64
N LEU B 12 -25.12 -2.06 -21.49
CA LEU B 12 -25.00 -0.65 -21.16
C LEU B 12 -26.28 0.09 -21.54
N LEU B 13 -26.98 0.61 -20.53
CA LEU B 13 -28.19 1.38 -20.77
C LEU B 13 -27.81 2.84 -20.65
N GLU B 14 -27.50 3.46 -21.78
CA GLU B 14 -27.07 4.85 -21.80
C GLU B 14 -28.19 5.84 -21.89
N SER B 15 -28.03 6.95 -21.18
CA SER B 15 -29.01 8.00 -21.19
C SER B 15 -28.89 8.80 -22.47
N ARG B 16 -29.99 9.42 -22.85
CA ARG B 16 -30.04 10.41 -23.94
C ARG B 16 -31.41 10.90 -24.33
N ARG B 17 -31.44 12.11 -24.87
CA ARG B 17 -32.71 12.83 -25.02
C ARG B 17 -33.77 12.36 -25.98
N GLY B 18 -34.88 11.99 -25.37
CA GLY B 18 -36.08 11.66 -26.10
C GLY B 18 -36.73 10.51 -25.37
N GLN B 19 -35.90 9.58 -24.90
CA GLN B 19 -36.37 8.40 -24.20
C GLN B 19 -36.11 8.57 -22.72
N PRO B 20 -36.76 7.73 -21.94
CA PRO B 20 -36.49 7.65 -20.53
C PRO B 20 -35.74 6.33 -20.54
N LEU B 21 -35.25 5.91 -19.39
CA LEU B 21 -34.59 4.62 -19.29
C LEU B 21 -35.65 3.73 -18.66
N PHE B 22 -35.93 2.59 -19.28
CA PHE B 22 -36.95 1.71 -18.75
C PHE B 22 -36.35 0.69 -17.80
N MET B 23 -36.63 0.86 -16.51
CA MET B 23 -36.11 -0.04 -15.48
C MET B 23 -37.22 -0.90 -14.91
N THR B 24 -37.38 -2.10 -15.46
CA THR B 24 -38.42 -3.00 -14.99
C THR B 24 -37.90 -4.03 -14.01
N VAL B 25 -38.32 -3.92 -12.76
CA VAL B 25 -37.92 -4.88 -11.73
C VAL B 25 -38.78 -6.11 -11.95
N GLN B 26 -38.15 -7.25 -12.14
CA GLN B 26 -38.88 -8.48 -12.42
C GLN B 26 -38.10 -9.74 -12.10
N ARG B 27 -38.71 -10.88 -12.40
CA ARG B 27 -38.09 -12.17 -12.18
C ARG B 27 -37.29 -12.53 -13.42
N ALA B 28 -36.53 -13.61 -13.30
CA ALA B 28 -35.74 -14.12 -14.40
C ALA B 28 -35.05 -15.38 -13.93
N HIS B 29 -34.41 -16.09 -14.85
CA HIS B 29 -33.68 -17.28 -14.48
C HIS B 29 -32.21 -16.96 -14.68
N TRP B 30 -31.38 -17.39 -13.75
CA TRP B 30 -29.95 -17.14 -13.82
C TRP B 30 -29.19 -18.38 -13.42
N SER B 31 -27.91 -18.43 -13.78
CA SER B 31 -27.06 -19.55 -13.44
C SER B 31 -25.75 -19.06 -12.86
N PHE B 32 -25.57 -19.27 -11.57
CA PHE B 32 -24.35 -18.86 -10.87
C PHE B 32 -23.30 -19.93 -11.10
N THR B 33 -23.76 -21.14 -11.39
CA THR B 33 -22.87 -22.26 -11.69
C THR B 33 -23.49 -22.99 -12.91
N PRO B 34 -22.70 -23.77 -13.65
CA PRO B 34 -23.20 -24.47 -14.84
C PRO B 34 -23.38 -25.95 -14.50
N GLY B 35 -24.38 -26.63 -15.03
CA GLY B 35 -25.33 -26.06 -16.00
C GLY B 35 -26.55 -25.90 -15.13
N THR B 36 -26.35 -25.13 -14.07
CA THR B 36 -27.35 -24.87 -13.06
C THR B 36 -28.24 -23.73 -13.54
N ARG B 37 -29.43 -23.65 -12.96
CA ARG B 37 -30.38 -22.59 -13.30
C ARG B 37 -31.33 -22.32 -12.14
N ALA B 38 -31.45 -21.07 -11.74
CA ALA B 38 -32.31 -20.70 -10.63
C ALA B 38 -33.14 -19.45 -10.92
N SER B 39 -34.25 -19.31 -10.21
CA SER B 39 -35.10 -18.13 -10.36
C SER B 39 -34.57 -17.05 -9.42
N VAL B 40 -34.22 -15.90 -10.00
CA VAL B 40 -33.68 -14.80 -9.23
C VAL B 40 -34.47 -13.52 -9.48
N TRP B 41 -33.87 -12.40 -9.11
CA TRP B 41 -34.48 -11.09 -9.31
C TRP B 41 -33.43 -10.20 -9.98
N GLY B 42 -33.89 -9.15 -10.65
CA GLY B 42 -32.97 -8.24 -11.31
C GLY B 42 -33.77 -7.16 -12.02
N ILE B 43 -33.16 -6.58 -13.05
CA ILE B 43 -33.82 -5.54 -13.81
C ILE B 43 -33.68 -5.85 -15.30
N ASN B 44 -34.82 -5.91 -15.98
CA ASN B 44 -34.84 -6.19 -17.41
C ASN B 44 -34.50 -7.63 -17.79
N GLY B 45 -34.87 -8.57 -16.92
CA GLY B 45 -34.67 -10.00 -17.20
C GLY B 45 -33.28 -10.55 -16.90
N ARG B 46 -32.45 -9.75 -16.27
CA ARG B 46 -31.10 -10.18 -15.92
C ARG B 46 -30.97 -10.29 -14.41
N TYR B 47 -30.01 -11.09 -13.95
CA TYR B 47 -29.74 -11.14 -12.52
C TYR B 47 -29.07 -9.80 -12.31
N LEU B 48 -29.36 -9.14 -11.19
CA LEU B 48 -28.82 -7.81 -10.98
C LEU B 48 -29.43 -6.98 -12.10
N GLY B 49 -28.70 -6.05 -12.67
CA GLY B 49 -29.25 -5.24 -13.76
C GLY B 49 -28.22 -4.69 -14.73
N PRO B 50 -28.69 -3.88 -15.67
CA PRO B 50 -27.82 -3.26 -16.67
C PRO B 50 -27.04 -2.08 -16.07
N THR B 51 -25.89 -1.81 -16.64
CA THR B 51 -25.09 -0.68 -16.17
C THR B 51 -25.63 0.60 -16.79
N ILE B 52 -25.98 1.55 -15.93
CA ILE B 52 -26.55 2.81 -16.40
C ILE B 52 -25.46 3.85 -16.61
N ARG B 53 -25.59 4.62 -17.69
CA ARG B 53 -24.63 5.66 -17.98
C ARG B 53 -25.31 6.99 -18.25
N VAL B 54 -24.99 7.97 -17.42
CA VAL B 54 -25.54 9.32 -17.56
C VAL B 54 -24.39 10.30 -17.62
N TRP B 55 -24.68 11.55 -17.95
CA TRP B 55 -23.65 12.56 -18.06
C TRP B 55 -23.96 13.80 -17.22
N LYS B 56 -22.93 14.38 -16.63
CA LYS B 56 -23.06 15.60 -15.84
C LYS B 56 -23.80 16.63 -16.69
N GLY B 57 -24.78 17.31 -16.10
CA GLY B 57 -25.55 18.32 -16.83
C GLY B 57 -26.77 17.70 -17.51
N ASP B 58 -26.91 16.38 -17.38
CA ASP B 58 -28.04 15.68 -17.95
C ASP B 58 -29.27 15.85 -17.07
N ASP B 59 -30.44 15.55 -17.63
CA ASP B 59 -31.70 15.60 -16.90
C ASP B 59 -32.44 14.32 -17.27
N VAL B 60 -31.85 13.18 -16.89
CA VAL B 60 -32.37 11.87 -17.21
C VAL B 60 -33.75 11.53 -16.68
N LYS B 61 -34.53 10.87 -17.53
CA LYS B 61 -35.88 10.44 -17.20
C LYS B 61 -35.85 8.94 -16.94
N LEU B 62 -36.02 8.56 -15.68
CA LEU B 62 -36.01 7.15 -15.33
C LEU B 62 -37.46 6.70 -15.12
N ILE B 63 -37.77 5.53 -15.66
CA ILE B 63 -39.11 4.98 -15.51
C ILE B 63 -39.04 3.61 -14.86
N TYR B 64 -39.17 3.59 -13.54
CA TYR B 64 -39.13 2.35 -12.79
C TYR B 64 -40.52 1.70 -12.85
N SER B 65 -40.55 0.38 -12.95
CA SER B 65 -41.80 -0.33 -13.01
C SER B 65 -41.72 -1.60 -12.17
N ASN B 66 -42.50 -1.64 -11.10
CA ASN B 66 -42.52 -2.79 -10.21
C ASN B 66 -43.37 -3.91 -10.81
N ARG B 67 -42.69 -4.95 -11.28
CA ARG B 67 -43.37 -6.11 -11.84
C ARG B 67 -43.15 -7.32 -10.94
N LEU B 68 -43.00 -7.06 -9.65
CA LEU B 68 -42.80 -8.10 -8.66
C LEU B 68 -44.04 -8.24 -7.78
N THR B 69 -44.06 -9.28 -6.95
CA THR B 69 -45.22 -9.55 -6.10
C THR B 69 -45.08 -8.96 -4.70
N GLU B 70 -44.19 -7.99 -4.57
CA GLU B 70 -43.92 -7.35 -3.29
C GLU B 70 -43.67 -5.86 -3.49
N ASN B 71 -43.73 -5.09 -2.40
CA ASN B 71 -43.49 -3.64 -2.48
C ASN B 71 -42.01 -3.42 -2.74
N VAL B 72 -41.69 -2.37 -3.50
CA VAL B 72 -40.29 -2.10 -3.80
C VAL B 72 -39.95 -0.61 -3.85
N SER B 73 -38.84 -0.25 -3.23
CA SER B 73 -38.33 1.13 -3.25
C SER B 73 -36.89 1.08 -3.74
N MET B 74 -36.57 1.90 -4.73
CA MET B 74 -35.22 1.91 -5.31
C MET B 74 -34.48 3.21 -5.06
N THR B 75 -33.16 3.10 -4.96
CA THR B 75 -32.32 4.28 -4.72
C THR B 75 -30.98 4.14 -5.45
N VAL B 76 -30.33 5.27 -5.66
CA VAL B 76 -29.02 5.29 -6.31
C VAL B 76 -27.97 5.76 -5.30
N ALA B 77 -27.25 4.80 -4.72
CA ALA B 77 -26.22 5.12 -3.74
C ALA B 77 -25.16 6.06 -4.29
N GLY B 78 -25.04 7.24 -3.69
CA GLY B 78 -24.05 8.22 -4.11
C GLY B 78 -24.61 9.30 -5.03
N LEU B 79 -25.88 9.17 -5.41
CA LEU B 79 -26.51 10.16 -6.29
C LEU B 79 -26.74 11.49 -5.60
N GLN B 80 -26.40 12.58 -6.28
CA GLN B 80 -26.56 13.91 -5.73
C GLN B 80 -27.81 14.63 -6.25
N VAL B 81 -28.94 14.36 -5.61
CA VAL B 81 -30.20 15.00 -5.95
C VAL B 81 -30.96 15.27 -4.66
N PRO B 82 -32.06 16.00 -4.74
CA PRO B 82 -32.86 16.29 -3.56
C PRO B 82 -33.50 15.03 -2.99
N GLY B 83 -33.93 15.10 -1.73
CA GLY B 83 -34.54 13.97 -1.05
C GLY B 83 -35.72 13.36 -1.81
N PRO B 84 -36.58 14.21 -2.37
CA PRO B 84 -37.75 13.71 -3.10
C PRO B 84 -37.39 12.88 -4.32
N LEU B 85 -36.12 12.88 -4.71
CA LEU B 85 -35.70 12.14 -5.88
C LEU B 85 -34.81 10.92 -5.61
N MET B 86 -34.52 10.65 -4.34
CA MET B 86 -33.65 9.53 -3.98
C MET B 86 -34.13 8.17 -4.49
N GLY B 87 -35.29 7.69 -4.04
CA GLY B 87 -36.10 8.33 -3.02
C GLY B 87 -36.20 7.46 -1.77
N GLY B 88 -36.57 6.21 -1.97
CA GLY B 88 -36.73 5.27 -0.86
C GLY B 88 -38.19 5.00 -0.54
N PRO B 89 -38.45 4.87 0.76
CA PRO B 89 -39.80 4.58 1.20
C PRO B 89 -40.85 5.63 0.83
N ALA B 90 -40.42 6.88 0.65
CA ALA B 90 -41.33 7.96 0.30
C ALA B 90 -41.82 7.73 -1.12
N ARG B 91 -41.02 7.03 -1.91
CA ARG B 91 -41.37 6.73 -3.30
C ARG B 91 -41.50 5.22 -3.53
N MET B 92 -42.02 4.52 -2.54
CA MET B 92 -42.19 3.08 -2.65
C MET B 92 -43.17 2.69 -3.75
N MET B 93 -42.85 1.60 -4.45
CA MET B 93 -43.68 1.10 -5.53
C MET B 93 -44.33 -0.23 -5.15
N SER B 94 -45.64 -0.30 -5.30
CA SER B 94 -46.36 -1.54 -5.02
C SER B 94 -46.36 -2.36 -6.30
N PRO B 95 -46.69 -3.64 -6.19
CA PRO B 95 -46.72 -4.52 -7.35
C PRO B 95 -47.54 -3.92 -8.48
N ASN B 96 -46.93 -3.86 -9.66
CA ASN B 96 -47.58 -3.32 -10.85
C ASN B 96 -47.61 -1.79 -10.89
N ALA B 97 -46.94 -1.16 -9.93
CA ALA B 97 -46.86 0.29 -9.86
C ALA B 97 -45.57 0.79 -10.52
N ASP B 98 -45.55 2.06 -10.88
CA ASP B 98 -44.35 2.62 -11.50
C ASP B 98 -44.01 4.02 -10.99
N TRP B 99 -42.73 4.36 -11.06
CA TRP B 99 -42.22 5.66 -10.63
C TRP B 99 -41.37 6.23 -11.74
N ALA B 100 -41.74 7.42 -12.24
CA ALA B 100 -41.03 8.03 -13.34
C ALA B 100 -40.46 9.41 -13.02
N PRO B 101 -39.36 9.44 -12.27
CA PRO B 101 -38.72 10.69 -11.89
C PRO B 101 -37.81 11.26 -12.98
N VAL B 102 -37.48 12.54 -12.86
CA VAL B 102 -36.58 13.20 -13.80
C VAL B 102 -35.38 13.72 -13.00
N LEU B 103 -34.27 12.98 -13.08
CA LEU B 103 -33.07 13.32 -12.32
C LEU B 103 -32.15 14.28 -13.05
N PRO B 104 -31.79 15.36 -12.36
CA PRO B 104 -30.86 16.34 -12.90
C PRO B 104 -29.47 16.00 -12.40
N ILE B 105 -28.61 15.54 -13.30
CA ILE B 105 -27.24 15.18 -12.96
C ILE B 105 -26.36 16.41 -12.88
N ARG B 106 -25.77 16.66 -11.72
CA ARG B 106 -24.91 17.83 -11.54
C ARG B 106 -23.70 17.53 -10.67
N GLN B 107 -23.20 16.30 -10.75
CA GLN B 107 -22.02 15.92 -9.97
C GLN B 107 -20.87 15.45 -10.86
N ASN B 108 -19.68 15.39 -10.28
CA ASN B 108 -18.49 14.95 -11.01
C ASN B 108 -18.55 13.46 -11.32
N ALA B 109 -17.84 13.06 -12.38
CA ALA B 109 -17.81 11.66 -12.81
C ALA B 109 -17.51 10.75 -11.62
N ALA B 110 -18.23 9.63 -11.54
CA ALA B 110 -18.04 8.68 -10.45
C ALA B 110 -18.73 7.36 -10.72
N THR B 111 -18.37 6.34 -9.94
CA THR B 111 -18.98 5.03 -10.08
C THR B 111 -19.95 4.81 -8.93
N LEU B 112 -21.23 5.03 -9.20
CA LEU B 112 -22.27 4.84 -8.20
C LEU B 112 -22.90 3.47 -8.37
N TRP B 113 -24.03 3.25 -7.73
CA TRP B 113 -24.75 1.99 -7.86
C TRP B 113 -26.15 2.11 -7.30
N TYR B 114 -27.08 1.36 -7.89
CA TYR B 114 -28.47 1.39 -7.45
C TYR B 114 -28.85 0.07 -6.81
N HIS B 115 -29.85 0.10 -5.95
CA HIS B 115 -30.30 -1.12 -5.27
C HIS B 115 -31.61 -0.85 -4.54
N ALA B 116 -32.29 -1.93 -4.17
CA ALA B 116 -33.54 -1.82 -3.43
C ALA B 116 -33.20 -1.45 -1.99
N ASN B 117 -33.98 -0.53 -1.42
CA ASN B 117 -33.75 -0.12 -0.03
C ASN B 117 -35.04 -0.16 0.76
N THR B 118 -36.00 -0.94 0.27
CA THR B 118 -37.29 -1.11 0.92
C THR B 118 -37.11 -1.41 2.40
N PRO B 119 -37.85 -0.70 3.23
CA PRO B 119 -37.78 -0.86 4.67
C PRO B 119 -38.07 -2.29 5.13
N ASN B 120 -37.27 -2.77 6.09
CA ASN B 120 -37.46 -4.11 6.65
C ASN B 120 -37.12 -5.23 5.68
N ARG B 121 -37.07 -4.93 4.39
CA ARG B 121 -36.79 -5.94 3.39
C ARG B 121 -35.57 -5.67 2.51
N THR B 122 -34.75 -4.70 2.90
CA THR B 122 -33.58 -4.35 2.08
C THR B 122 -32.60 -5.49 1.86
N ALA B 123 -32.20 -6.13 2.95
CA ALA B 123 -31.25 -7.23 2.89
C ALA B 123 -31.68 -8.32 1.90
N GLN B 124 -32.91 -8.78 2.04
CA GLN B 124 -33.44 -9.84 1.18
C GLN B 124 -33.61 -9.43 -0.28
N GLN B 125 -34.10 -8.21 -0.51
CA GLN B 125 -34.33 -7.73 -1.86
C GLN B 125 -33.03 -7.56 -2.65
N VAL B 126 -31.99 -7.06 -2.00
CA VAL B 126 -30.70 -6.87 -2.66
C VAL B 126 -30.03 -8.22 -2.90
N TYR B 127 -30.09 -9.09 -1.91
CA TYR B 127 -29.51 -10.42 -2.02
C TYR B 127 -30.21 -11.22 -3.11
N ASN B 128 -31.42 -10.81 -3.46
CA ASN B 128 -32.21 -11.49 -4.49
C ASN B 128 -31.76 -11.12 -5.89
N GLY B 129 -30.97 -10.06 -6.01
CA GLY B 129 -30.48 -9.62 -7.31
C GLY B 129 -30.92 -8.20 -7.68
N LEU B 130 -31.50 -7.50 -6.73
CA LEU B 130 -31.97 -6.13 -6.98
C LEU B 130 -30.89 -5.08 -6.74
N ALA B 131 -29.98 -4.96 -7.69
CA ALA B 131 -28.88 -3.99 -7.63
C ALA B 131 -28.13 -3.99 -8.95
N GLY B 132 -27.40 -2.90 -9.22
CA GLY B 132 -26.64 -2.78 -10.45
C GLY B 132 -25.70 -1.57 -10.43
N MET B 133 -24.92 -1.41 -11.49
CA MET B 133 -23.99 -0.31 -11.57
C MET B 133 -24.61 0.94 -12.20
N TRP B 134 -24.12 2.11 -11.78
CA TRP B 134 -24.58 3.40 -12.27
C TRP B 134 -23.36 4.27 -12.47
N LEU B 135 -23.13 4.72 -13.70
CA LEU B 135 -21.95 5.53 -13.99
C LEU B 135 -22.24 6.98 -14.35
N VAL B 136 -21.46 7.88 -13.76
CA VAL B 136 -21.59 9.30 -14.04
C VAL B 136 -20.35 9.73 -14.83
N GLU B 137 -20.58 10.27 -16.02
CA GLU B 137 -19.48 10.70 -16.89
C GLU B 137 -19.45 12.21 -17.06
N ASP B 138 -18.26 12.73 -17.35
CA ASP B 138 -18.09 14.16 -17.60
C ASP B 138 -16.95 14.42 -18.58
N GLU B 139 -16.62 15.68 -18.78
CA GLU B 139 -15.55 16.03 -19.71
C GLU B 139 -14.20 15.47 -19.27
N VAL B 140 -13.89 15.65 -18.00
CA VAL B 140 -12.62 15.17 -17.44
C VAL B 140 -12.44 13.67 -17.63
N SER B 141 -13.46 12.89 -17.28
CA SER B 141 -13.39 11.45 -17.41
C SER B 141 -13.34 11.01 -18.87
N LYS B 142 -13.76 11.91 -19.75
CA LYS B 142 -13.77 11.63 -21.19
C LYS B 142 -12.48 12.06 -21.86
N SER B 143 -11.78 13.00 -21.24
CA SER B 143 -10.52 13.51 -21.78
C SER B 143 -9.29 12.73 -21.31
N LEU B 144 -9.32 12.29 -20.05
CA LEU B 144 -8.21 11.53 -19.47
C LEU B 144 -7.76 10.39 -20.37
N PRO B 145 -6.46 10.09 -20.31
CA PRO B 145 -5.87 9.02 -21.12
C PRO B 145 -6.02 7.68 -20.40
N ILE B 146 -7.25 7.32 -20.09
CA ILE B 146 -7.51 6.07 -19.38
C ILE B 146 -8.56 5.25 -20.10
N PRO B 147 -8.51 3.95 -19.88
CA PRO B 147 -9.52 3.08 -20.46
C PRO B 147 -10.93 3.50 -20.10
N ASN B 148 -11.75 3.68 -21.12
CA ASN B 148 -13.14 4.11 -21.01
C ASN B 148 -14.08 3.39 -22.00
N HIS B 149 -13.63 2.30 -22.59
CA HIS B 149 -14.48 1.56 -23.53
C HIS B 149 -15.17 0.37 -22.86
N TYR B 150 -16.35 0.64 -22.30
CA TYR B 150 -17.16 -0.36 -21.61
C TYR B 150 -17.22 -1.68 -22.36
N GLY B 151 -17.04 -2.78 -21.63
CA GLY B 151 -17.11 -4.11 -22.21
C GLY B 151 -15.83 -4.53 -22.93
N VAL B 152 -14.93 -3.58 -23.18
CA VAL B 152 -13.69 -3.86 -23.89
C VAL B 152 -12.47 -3.77 -22.98
N ASP B 153 -12.18 -2.57 -22.48
CA ASP B 153 -11.05 -2.39 -21.59
C ASP B 153 -11.49 -1.73 -20.30
N ASP B 154 -12.79 -1.55 -20.17
CA ASP B 154 -13.38 -0.97 -18.98
C ASP B 154 -14.49 -1.93 -18.53
N PHE B 155 -14.29 -2.58 -17.39
CA PHE B 155 -15.26 -3.55 -16.88
C PHE B 155 -15.76 -3.27 -15.47
N PRO B 156 -16.99 -3.70 -15.22
CA PRO B 156 -17.61 -3.55 -13.91
C PRO B 156 -17.43 -4.85 -13.14
N VAL B 157 -16.85 -4.77 -11.96
CA VAL B 157 -16.64 -5.95 -11.14
C VAL B 157 -17.50 -5.89 -9.89
N ILE B 158 -18.71 -6.45 -9.99
CA ILE B 158 -19.64 -6.47 -8.87
C ILE B 158 -19.43 -7.71 -8.01
N ILE B 159 -18.61 -7.57 -6.98
CA ILE B 159 -18.30 -8.69 -6.09
C ILE B 159 -19.45 -9.03 -5.15
N GLN B 160 -19.76 -10.32 -5.04
CA GLN B 160 -20.84 -10.74 -4.18
C GLN B 160 -20.63 -11.98 -3.32
N ASP B 161 -21.15 -11.87 -2.11
CA ASP B 161 -21.14 -12.91 -1.09
C ASP B 161 -22.33 -13.79 -1.43
N LYS B 162 -22.21 -15.11 -1.29
CA LYS B 162 -23.35 -15.96 -1.63
C LYS B 162 -23.33 -17.39 -1.14
N ARG B 163 -24.50 -17.86 -0.71
CA ARG B 163 -24.69 -19.24 -0.27
C ARG B 163 -25.63 -19.88 -1.28
N LEU B 164 -25.09 -20.77 -2.10
CA LEU B 164 -25.90 -21.46 -3.09
C LEU B 164 -26.03 -22.92 -2.71
N ASP B 165 -27.24 -23.45 -2.78
CA ASP B 165 -27.47 -24.86 -2.46
C ASP B 165 -26.73 -25.69 -3.52
N ASN B 166 -26.76 -27.01 -3.39
CA ASN B 166 -26.06 -27.88 -4.33
C ASN B 166 -26.69 -27.92 -5.72
N PHE B 167 -27.62 -27.02 -5.92
CA PHE B 167 -28.33 -26.99 -7.18
C PHE B 167 -28.02 -25.72 -7.92
N GLY B 168 -27.29 -24.83 -7.25
CA GLY B 168 -26.95 -23.54 -7.81
C GLY B 168 -28.07 -22.53 -7.64
N THR B 169 -28.92 -22.75 -6.64
CA THR B 169 -30.01 -21.82 -6.36
C THR B 169 -29.65 -21.03 -5.10
N PRO B 170 -29.59 -19.70 -5.24
CA PRO B 170 -29.26 -18.83 -4.12
C PRO B 170 -30.11 -19.17 -2.90
N GLU B 171 -29.51 -19.04 -1.71
CA GLU B 171 -30.20 -19.40 -0.48
C GLU B 171 -29.94 -18.37 0.62
N TYR B 172 -31.02 -17.76 1.13
CA TYR B 172 -30.89 -16.78 2.20
C TYR B 172 -31.59 -17.18 3.49
N ASN B 173 -30.82 -17.20 4.57
CA ASN B 173 -31.33 -17.51 5.90
C ASN B 173 -30.92 -16.39 6.86
N GLU B 174 -31.90 -15.64 7.35
CA GLU B 174 -31.67 -14.51 8.25
C GLU B 174 -30.71 -14.85 9.38
N PRO B 175 -29.67 -14.03 9.55
CA PRO B 175 -28.72 -14.27 10.62
C PRO B 175 -29.26 -13.81 11.96
N GLY B 176 -28.79 -14.45 13.02
CA GLY B 176 -29.20 -14.09 14.37
C GLY B 176 -28.04 -14.23 15.33
N SER B 177 -27.29 -13.14 15.54
CA SER B 177 -27.53 -11.88 14.84
C SER B 177 -26.25 -11.19 14.37
N GLY B 178 -26.38 -10.31 13.39
CA GLY B 178 -25.25 -9.62 12.78
C GLY B 178 -25.60 -9.58 11.29
N GLY B 179 -24.59 -9.51 10.42
CA GLY B 179 -24.84 -9.48 8.98
C GLY B 179 -24.76 -10.85 8.33
N PHE B 180 -25.27 -10.96 7.10
CA PHE B 180 -25.24 -12.22 6.37
C PHE B 180 -23.89 -12.46 5.71
N VAL B 181 -23.37 -13.67 5.89
CA VAL B 181 -22.07 -14.03 5.33
C VAL B 181 -22.16 -15.34 4.54
N GLY B 182 -21.81 -15.28 3.26
CA GLY B 182 -21.87 -16.45 2.39
C GLY B 182 -20.50 -17.13 2.26
N ASP B 183 -20.44 -18.16 1.42
CA ASP B 183 -19.19 -18.89 1.22
C ASP B 183 -18.77 -19.01 -0.24
N THR B 184 -19.59 -18.47 -1.14
CA THR B 184 -19.29 -18.50 -2.56
C THR B 184 -19.08 -17.11 -3.12
N LEU B 185 -17.91 -16.86 -3.68
CA LEU B 185 -17.59 -15.57 -4.27
C LEU B 185 -18.24 -15.45 -5.64
N LEU B 186 -18.95 -14.36 -5.86
CA LEU B 186 -19.64 -14.13 -7.12
C LEU B 186 -19.23 -12.80 -7.73
N VAL B 187 -18.90 -12.83 -9.02
CA VAL B 187 -18.54 -11.62 -9.74
C VAL B 187 -19.50 -11.47 -10.92
N ASN B 188 -20.30 -10.41 -10.87
CA ASN B 188 -21.26 -10.16 -11.93
C ASN B 188 -22.23 -11.34 -12.08
N GLY B 189 -22.34 -12.16 -11.03
CA GLY B 189 -23.24 -13.29 -11.04
C GLY B 189 -22.58 -14.64 -11.31
N VAL B 190 -21.26 -14.63 -11.53
CA VAL B 190 -20.53 -15.86 -11.83
C VAL B 190 -19.40 -16.16 -10.84
N GLN B 191 -19.13 -17.44 -10.64
CA GLN B 191 -18.08 -17.88 -9.73
C GLN B 191 -16.70 -17.84 -10.39
N SER B 192 -15.79 -17.08 -9.79
CA SER B 192 -14.40 -16.96 -10.26
C SER B 192 -14.23 -16.97 -11.77
N PRO B 193 -14.93 -16.07 -12.46
CA PRO B 193 -14.87 -16.01 -13.91
C PRO B 193 -13.56 -15.39 -14.38
N TYR B 194 -13.27 -15.57 -15.66
CA TYR B 194 -12.08 -15.00 -16.27
C TYR B 194 -12.57 -13.88 -17.17
N VAL B 195 -11.72 -12.88 -17.39
CA VAL B 195 -12.07 -11.79 -18.29
C VAL B 195 -10.95 -11.53 -19.28
N GLU B 196 -11.26 -11.81 -20.54
CA GLU B 196 -10.31 -11.64 -21.63
C GLU B 196 -10.17 -10.16 -21.91
N VAL B 197 -8.97 -9.62 -21.72
CA VAL B 197 -8.74 -8.19 -21.94
C VAL B 197 -7.73 -7.95 -23.05
N SER B 198 -7.69 -6.69 -23.49
CA SER B 198 -6.71 -6.28 -24.49
C SER B 198 -5.35 -6.40 -23.81
N ARG B 199 -4.29 -5.96 -24.47
CA ARG B 199 -2.97 -6.10 -23.86
C ARG B 199 -2.27 -4.81 -23.47
N GLY B 200 -2.97 -3.99 -22.70
CA GLY B 200 -2.42 -2.73 -22.21
C GLY B 200 -3.07 -2.46 -20.87
N TRP B 201 -3.53 -1.24 -20.69
CA TRP B 201 -4.19 -0.89 -19.44
C TRP B 201 -5.66 -1.28 -19.46
N VAL B 202 -6.09 -1.91 -18.37
CA VAL B 202 -7.46 -2.35 -18.23
C VAL B 202 -8.02 -1.66 -17.00
N ARG B 203 -9.20 -1.08 -17.16
CA ARG B 203 -9.87 -0.36 -16.09
C ARG B 203 -10.93 -1.25 -15.45
N LEU B 204 -10.86 -1.40 -14.12
CA LEU B 204 -11.81 -2.21 -13.39
C LEU B 204 -12.59 -1.39 -12.36
N ARG B 205 -13.91 -1.48 -12.43
CA ARG B 205 -14.78 -0.74 -11.50
C ARG B 205 -15.32 -1.71 -10.45
N LEU B 206 -14.59 -1.82 -9.34
CA LEU B 206 -14.98 -2.73 -8.26
C LEU B 206 -16.11 -2.18 -7.39
N LEU B 207 -17.07 -3.04 -7.09
CA LEU B 207 -18.19 -2.66 -6.25
C LEU B 207 -18.54 -3.82 -5.31
N ASN B 208 -18.62 -3.52 -4.03
CA ASN B 208 -18.97 -4.52 -3.03
C ASN B 208 -20.46 -4.50 -2.77
N ALA B 209 -21.20 -5.38 -3.42
CA ALA B 209 -22.65 -5.45 -3.25
C ALA B 209 -23.04 -6.57 -2.30
N SER B 210 -22.13 -6.93 -1.40
CA SER B 210 -22.40 -7.97 -0.42
C SER B 210 -23.34 -7.40 0.65
N ASN B 211 -23.85 -8.27 1.51
CA ASN B 211 -24.76 -7.85 2.56
C ASN B 211 -24.02 -7.26 3.75
N SER B 212 -22.81 -7.75 4.00
CA SER B 212 -22.02 -7.27 5.12
C SER B 212 -20.54 -7.54 4.92
N ARG B 213 -20.22 -8.63 4.23
CA ARG B 213 -18.82 -8.99 4.02
C ARG B 213 -17.93 -7.92 3.40
N ARG B 214 -16.75 -7.74 3.99
CA ARG B 214 -15.77 -6.79 3.49
C ARG B 214 -14.57 -7.57 2.99
N TYR B 215 -14.06 -7.18 1.82
CA TYR B 215 -12.94 -7.90 1.20
C TYR B 215 -11.63 -7.13 1.19
N GLN B 216 -10.53 -7.86 1.32
CA GLN B 216 -9.20 -7.29 1.21
C GLN B 216 -8.62 -7.92 -0.04
N LEU B 217 -8.62 -7.16 -1.14
CA LEU B 217 -8.16 -7.67 -2.43
C LEU B 217 -6.70 -7.42 -2.72
N GLN B 218 -6.15 -8.21 -3.65
CA GLN B 218 -4.76 -8.11 -4.06
C GLN B 218 -4.52 -8.97 -5.30
N MET B 219 -3.41 -8.72 -6.00
CA MET B 219 -3.07 -9.49 -7.19
C MET B 219 -2.35 -10.76 -6.77
N ASN B 220 -2.67 -11.87 -7.42
CA ASN B 220 -2.06 -13.16 -7.08
C ASN B 220 -0.58 -13.27 -7.47
N ASP B 221 -0.07 -12.26 -8.17
CA ASP B 221 1.32 -12.26 -8.58
C ASP B 221 2.18 -11.31 -7.75
N GLY B 222 1.54 -10.59 -6.84
CA GLY B 222 2.26 -9.68 -5.94
C GLY B 222 2.35 -8.24 -6.41
N ARG B 223 1.90 -7.98 -7.64
CA ARG B 223 1.93 -6.62 -8.17
C ARG B 223 0.95 -5.71 -7.44
N PRO B 224 1.25 -4.42 -7.41
CA PRO B 224 0.41 -3.46 -6.72
C PRO B 224 -0.84 -3.13 -7.54
N LEU B 225 -1.85 -2.62 -6.85
CA LEU B 225 -3.10 -2.21 -7.48
C LEU B 225 -3.10 -0.69 -7.59
N HIS B 226 -3.33 -0.18 -8.79
CA HIS B 226 -3.35 1.26 -9.01
C HIS B 226 -4.78 1.79 -8.91
N VAL B 227 -5.04 2.56 -7.87
CA VAL B 227 -6.36 3.13 -7.64
C VAL B 227 -6.50 4.54 -8.20
N ILE B 228 -7.64 4.80 -8.84
CA ILE B 228 -7.91 6.11 -9.44
C ILE B 228 -9.25 6.67 -8.97
N SER B 229 -10.00 5.87 -8.20
CA SER B 229 -11.30 6.25 -7.67
C SER B 229 -11.62 5.33 -6.49
N GLY B 230 -12.56 5.73 -5.63
CA GLY B 230 -13.27 6.98 -5.79
C GLY B 230 -14.78 6.76 -5.72
N ASP B 231 -15.32 6.60 -4.51
CA ASP B 231 -16.76 6.41 -4.34
C ASP B 231 -17.49 7.56 -5.03
N GLN B 232 -16.93 8.75 -4.94
CA GLN B 232 -17.55 9.94 -5.51
C GLN B 232 -16.73 10.64 -6.58
N GLY B 233 -15.68 9.99 -7.08
CA GLY B 233 -14.87 10.60 -8.12
C GLY B 233 -13.40 10.21 -8.09
N PHE B 234 -12.65 10.76 -9.04
CA PHE B 234 -11.22 10.49 -9.18
C PHE B 234 -10.40 11.02 -8.01
N LEU B 235 -9.27 10.35 -7.75
CA LEU B 235 -8.35 10.79 -6.73
C LEU B 235 -7.45 11.81 -7.40
N PRO B 236 -6.82 12.67 -6.61
CA PRO B 236 -5.91 13.69 -7.15
C PRO B 236 -4.92 13.05 -8.12
N ALA B 237 -4.43 11.87 -7.75
CA ALA B 237 -3.48 11.13 -8.57
C ALA B 237 -3.52 9.65 -8.21
N PRO B 238 -3.13 8.79 -9.16
CA PRO B 238 -3.13 7.35 -8.95
C PRO B 238 -2.49 6.92 -7.64
N VAL B 239 -3.04 5.87 -7.04
CA VAL B 239 -2.52 5.35 -5.78
C VAL B 239 -2.19 3.88 -5.96
N SER B 240 -0.90 3.56 -5.94
CA SER B 240 -0.46 2.19 -6.11
C SER B 240 -0.41 1.48 -4.77
N VAL B 241 -1.28 0.49 -4.60
CA VAL B 241 -1.33 -0.24 -3.34
C VAL B 241 -1.07 -1.73 -3.51
N LYS B 242 -0.80 -2.39 -2.39
CA LYS B 242 -0.52 -3.82 -2.35
C LYS B 242 -1.80 -4.57 -2.02
N GLN B 243 -2.52 -4.09 -1.01
CA GLN B 243 -3.79 -4.67 -0.59
C GLN B 243 -4.87 -3.61 -0.65
N LEU B 244 -6.08 -4.00 -1.04
CA LEU B 244 -7.19 -3.06 -1.16
C LEU B 244 -8.42 -3.49 -0.36
N SER B 245 -8.81 -2.65 0.59
CA SER B 245 -10.00 -2.91 1.40
C SER B 245 -11.24 -2.41 0.67
N LEU B 246 -12.27 -3.24 0.61
CA LEU B 246 -13.51 -2.88 -0.07
C LEU B 246 -14.70 -3.33 0.75
N ALA B 247 -15.36 -2.36 1.41
CA ALA B 247 -16.51 -2.64 2.25
C ALA B 247 -17.82 -2.61 1.47
N PRO B 248 -18.86 -3.22 2.04
CA PRO B 248 -20.17 -3.28 1.40
C PRO B 248 -20.65 -1.89 0.99
N GLY B 249 -20.98 -1.72 -0.29
CA GLY B 249 -21.44 -0.45 -0.81
C GLY B 249 -20.29 0.44 -1.25
N GLU B 250 -19.07 -0.01 -0.99
CA GLU B 250 -17.88 0.73 -1.38
C GLU B 250 -17.50 0.44 -2.81
N ARG B 251 -16.94 1.45 -3.48
CA ARG B 251 -16.54 1.31 -4.88
C ARG B 251 -15.16 1.89 -5.15
N ARG B 252 -14.41 1.25 -6.02
CA ARG B 252 -13.07 1.71 -6.35
C ARG B 252 -12.68 1.34 -7.78
N GLU B 253 -12.10 2.31 -8.48
CA GLU B 253 -11.64 2.08 -9.85
C GLU B 253 -10.13 1.85 -9.86
N ILE B 254 -9.71 0.73 -10.41
CA ILE B 254 -8.30 0.39 -10.48
C ILE B 254 -7.86 0.24 -11.93
N LEU B 255 -6.57 0.44 -12.16
CA LEU B 255 -5.98 0.30 -13.49
C LEU B 255 -4.98 -0.84 -13.45
N VAL B 256 -5.09 -1.77 -14.39
CA VAL B 256 -4.19 -2.91 -14.45
C VAL B 256 -3.47 -2.93 -15.80
N ASP B 257 -2.17 -3.18 -15.75
CA ASP B 257 -1.36 -3.23 -16.96
C ASP B 257 -1.10 -4.68 -17.37
N MET B 258 -1.70 -5.09 -18.49
CA MET B 258 -1.55 -6.46 -18.99
C MET B 258 -0.49 -6.55 -20.08
N SER B 259 0.30 -5.49 -20.22
CA SER B 259 1.35 -5.43 -21.24
C SER B 259 2.26 -6.66 -21.29
N ASN B 260 2.70 -7.14 -20.14
CA ASN B 260 3.60 -8.30 -20.10
C ASN B 260 3.04 -9.57 -20.72
N GLY B 261 1.74 -9.58 -21.02
CA GLY B 261 1.11 -10.74 -21.64
C GLY B 261 0.94 -11.90 -20.67
N ASP B 262 0.97 -11.59 -19.37
CA ASP B 262 0.80 -12.61 -18.34
C ASP B 262 -0.59 -12.50 -17.73
N GLU B 263 -1.18 -13.64 -17.42
CA GLU B 263 -2.50 -13.68 -16.80
C GLU B 263 -2.37 -13.21 -15.36
N VAL B 264 -3.23 -12.29 -14.95
CA VAL B 264 -3.21 -11.86 -13.55
C VAL B 264 -4.58 -12.06 -12.94
N SER B 265 -4.58 -12.51 -11.69
CA SER B 265 -5.81 -12.83 -10.97
C SER B 265 -5.98 -11.98 -9.72
N ILE B 266 -7.24 -11.71 -9.37
CA ILE B 266 -7.54 -10.96 -8.16
C ILE B 266 -8.02 -11.91 -7.06
N THR B 267 -7.45 -11.76 -5.87
CA THR B 267 -7.80 -12.60 -4.74
C THR B 267 -8.14 -11.74 -3.52
N CYS B 268 -8.60 -12.38 -2.46
CA CYS B 268 -8.94 -11.66 -1.23
C CYS B 268 -8.37 -12.31 0.03
N LEU B 288 -15.05 -19.06 3.18
CA LEU B 288 -15.16 -19.04 1.73
C LEU B 288 -14.46 -20.25 1.13
N VAL B 289 -14.92 -20.66 -0.04
CA VAL B 289 -14.36 -21.81 -0.72
C VAL B 289 -13.24 -21.43 -1.64
N SER B 290 -13.48 -20.41 -2.46
CA SER B 290 -12.48 -19.92 -3.39
C SER B 290 -12.11 -18.47 -3.10
N THR B 291 -10.81 -18.20 -3.09
CA THR B 291 -10.31 -16.86 -2.84
C THR B 291 -10.10 -16.14 -4.17
N LEU B 292 -10.48 -16.82 -5.24
CA LEU B 292 -10.35 -16.28 -6.59
C LEU B 292 -11.52 -15.35 -6.93
N VAL B 293 -11.20 -14.10 -7.23
CA VAL B 293 -12.23 -13.13 -7.57
C VAL B 293 -12.43 -13.04 -9.08
N LEU B 294 -11.37 -12.67 -9.79
CA LEU B 294 -11.44 -12.52 -11.25
C LEU B 294 -10.08 -12.75 -11.90
N THR B 295 -10.10 -13.34 -13.10
CA THR B 295 -8.87 -13.62 -13.83
C THR B 295 -8.79 -12.77 -15.10
N LEU B 296 -7.63 -12.18 -15.35
CA LEU B 296 -7.44 -11.35 -16.54
C LEU B 296 -6.61 -12.05 -17.61
N ARG B 297 -7.15 -12.11 -18.83
CA ARG B 297 -6.44 -12.77 -19.93
C ARG B 297 -6.29 -11.90 -21.19
N PRO B 298 -5.07 -11.86 -21.70
CA PRO B 298 -4.73 -11.14 -22.97
C PRO B 298 -4.98 -12.33 -23.93
N THR B 299 -5.42 -12.22 -25.20
CA THR B 299 -5.53 -11.04 -26.08
C THR B 299 -7.01 -10.59 -26.30
N GLY B 300 -7.25 -9.61 -27.18
CA GLY B 300 -6.25 -8.85 -27.90
C GLY B 300 -7.00 -7.59 -28.34
N LEU B 301 -6.28 -6.60 -28.81
CA LEU B 301 -4.83 -6.69 -28.90
C LEU B 301 -4.14 -5.36 -28.62
N LEU B 302 -2.85 -5.30 -28.94
CA LEU B 302 -1.97 -4.16 -28.68
C LEU B 302 -2.56 -2.74 -28.56
N PRO B 303 -1.73 -1.70 -28.49
CA PRO B 303 -2.30 -0.42 -28.16
C PRO B 303 -3.36 -0.24 -27.08
N LEU B 304 -3.68 1.05 -26.91
CA LEU B 304 -4.47 1.74 -25.86
C LEU B 304 -4.94 1.06 -24.56
N VAL B 305 -4.21 1.23 -23.44
CA VAL B 305 -3.09 2.16 -23.25
C VAL B 305 -1.62 1.62 -23.05
N THR B 306 -0.86 1.58 -24.14
CA THR B 306 0.56 1.21 -24.12
C THR B 306 1.20 2.48 -23.55
N ASP B 307 0.34 3.47 -23.31
CA ASP B 307 0.72 4.82 -22.91
C ASP B 307 1.09 5.13 -21.44
N SER B 308 0.13 5.45 -20.57
CA SER B 308 0.57 5.76 -19.20
C SER B 308 -0.34 5.97 -18.01
N LEU B 309 0.33 6.18 -16.90
CA LEU B 309 -0.29 6.56 -15.66
C LEU B 309 0.26 7.95 -15.44
N PRO B 310 -0.68 8.77 -15.05
CA PRO B 310 -0.61 10.20 -14.88
C PRO B 310 0.27 10.79 -13.78
N MET B 311 -0.20 10.55 -12.55
CA MET B 311 0.14 11.23 -11.31
C MET B 311 -0.62 12.51 -11.60
N ARG B 312 -1.46 12.40 -12.62
CA ARG B 312 -2.30 13.46 -13.14
C ARG B 312 -3.72 13.29 -12.63
N LEU B 313 -4.52 12.47 -13.33
CA LEU B 313 -5.92 12.27 -12.96
C LEU B 313 -6.58 13.63 -12.90
N LEU B 314 -7.66 13.73 -12.12
CA LEU B 314 -8.40 14.97 -11.87
C LEU B 314 -7.38 16.08 -11.86
N PRO B 315 -7.68 17.25 -12.43
CA PRO B 315 -6.65 18.22 -12.38
C PRO B 315 -6.33 18.46 -10.94
N THR B 316 -5.16 19.01 -10.77
CA THR B 316 -4.62 19.55 -9.55
C THR B 316 -5.71 20.23 -8.68
N GLU B 317 -6.98 19.99 -8.99
CA GLU B 317 -8.05 20.53 -8.20
C GLU B 317 -7.95 19.74 -6.89
N ILE B 318 -8.59 20.26 -5.85
CA ILE B 318 -8.49 19.80 -4.46
C ILE B 318 -9.91 20.31 -4.07
N MET B 319 -10.54 20.15 -2.88
CA MET B 319 -10.30 19.43 -1.60
C MET B 319 -10.20 20.34 -0.34
N ALA B 320 -11.36 20.61 0.28
CA ALA B 320 -11.51 21.53 1.43
C ALA B 320 -12.34 20.87 2.55
N GLY B 321 -13.12 21.57 3.39
CA GLY B 321 -13.29 23.01 3.60
C GLY B 321 -13.55 23.07 5.12
N SER B 322 -13.90 24.23 5.69
CA SER B 322 -14.09 24.33 7.16
C SER B 322 -15.50 24.09 7.71
N PRO B 323 -15.60 23.31 8.80
CA PRO B 323 -16.90 22.99 9.40
C PRO B 323 -17.46 24.04 10.37
N ILE B 324 -18.79 24.18 10.37
CA ILE B 324 -19.48 25.14 11.22
C ILE B 324 -20.26 24.44 12.34
N ARG B 325 -20.35 23.11 12.25
CA ARG B 325 -21.10 22.32 13.20
C ARG B 325 -20.51 20.91 13.25
N SER B 326 -20.61 20.26 14.40
CA SER B 326 -20.06 18.92 14.57
C SER B 326 -21.12 17.97 15.12
N ARG B 327 -20.94 16.68 14.86
CA ARG B 327 -21.90 15.69 15.34
C ARG B 327 -21.26 14.36 15.69
N ASP B 328 -21.92 13.64 16.60
CA ASP B 328 -21.44 12.35 17.06
C ASP B 328 -22.44 11.26 16.67
N ILE B 329 -22.04 10.40 15.76
CA ILE B 329 -22.89 9.30 15.31
C ILE B 329 -22.41 8.01 15.96
N SER B 330 -23.24 7.41 16.79
CA SER B 330 -22.83 6.19 17.47
C SER B 330 -23.62 4.94 17.13
N LEU B 331 -22.93 3.96 16.55
CA LEU B 331 -23.52 2.66 16.25
C LEU B 331 -22.96 1.79 17.38
N GLY B 332 -23.03 0.48 17.25
CA GLY B 332 -22.48 -0.34 18.33
C GLY B 332 -22.54 -1.84 18.12
N ASP B 333 -23.02 -2.54 19.14
CA ASP B 333 -23.12 -3.98 19.12
C ASP B 333 -24.48 -4.42 18.57
N ASP B 334 -25.50 -3.60 18.80
CA ASP B 334 -26.85 -3.91 18.36
C ASP B 334 -27.46 -2.86 17.44
N PRO B 335 -28.61 -3.18 16.85
CA PRO B 335 -29.28 -2.29 15.91
C PRO B 335 -29.69 -0.95 16.50
N GLY B 336 -29.66 0.09 15.66
CA GLY B 336 -30.02 1.44 16.08
C GLY B 336 -28.82 2.39 16.06
N ILE B 337 -29.09 3.68 16.02
CA ILE B 337 -28.04 4.69 16.03
C ILE B 337 -28.25 5.62 17.22
N ASN B 338 -27.24 5.70 18.09
CA ASN B 338 -27.32 6.54 19.28
C ASN B 338 -28.41 6.00 20.21
N GLY B 339 -28.53 4.68 20.24
CA GLY B 339 -29.53 4.01 21.08
C GLY B 339 -30.96 4.24 20.60
N GLN B 340 -31.12 4.55 19.32
CA GLN B 340 -32.44 4.81 18.77
C GLN B 340 -32.70 4.05 17.47
N LEU B 341 -33.89 3.46 17.37
CA LEU B 341 -34.26 2.70 16.18
C LEU B 341 -34.91 3.61 15.16
N TRP B 342 -34.83 3.24 13.89
CA TRP B 342 -35.41 4.06 12.82
C TRP B 342 -36.86 4.43 13.11
N ASP B 343 -37.20 5.69 12.80
CA ASP B 343 -38.54 6.21 13.00
C ASP B 343 -38.82 7.18 11.86
N VAL B 344 -39.74 6.81 10.99
CA VAL B 344 -40.07 7.64 9.83
C VAL B 344 -40.53 9.05 10.18
N ASN B 345 -41.00 9.24 11.41
CA ASN B 345 -41.50 10.54 11.84
C ASN B 345 -40.52 11.32 12.71
N ARG B 346 -39.28 10.85 12.79
CA ARG B 346 -38.27 11.53 13.59
C ARG B 346 -37.11 12.04 12.75
N ILE B 347 -36.78 13.31 12.92
CA ILE B 347 -35.66 13.92 12.22
C ILE B 347 -34.48 13.90 13.18
N ASP B 348 -33.46 13.13 12.85
CA ASP B 348 -32.30 12.96 13.72
C ASP B 348 -31.24 14.03 13.55
N VAL B 349 -31.14 14.60 12.35
CA VAL B 349 -30.16 15.63 12.08
C VAL B 349 -30.71 16.71 11.14
N THR B 350 -30.38 17.96 11.44
CA THR B 350 -30.82 19.09 10.63
C THR B 350 -29.61 19.95 10.26
N ALA B 351 -29.18 19.84 9.01
CA ALA B 351 -28.04 20.60 8.53
C ALA B 351 -28.48 21.69 7.56
N GLN B 352 -27.55 22.52 7.14
CA GLN B 352 -27.85 23.60 6.21
C GLN B 352 -27.15 23.38 4.87
N GLN B 353 -27.90 23.49 3.79
CA GLN B 353 -27.34 23.29 2.47
C GLN B 353 -26.18 24.25 2.18
N GLY B 354 -25.09 23.70 1.66
CA GLY B 354 -23.91 24.48 1.32
C GLY B 354 -22.98 24.72 2.51
N THR B 355 -23.04 23.84 3.51
CA THR B 355 -22.18 23.97 4.68
C THR B 355 -21.29 22.76 4.86
N TRP B 356 -20.32 22.90 5.76
CA TRP B 356 -19.41 21.82 6.08
C TRP B 356 -19.63 21.45 7.53
N GLU B 357 -19.70 20.16 7.80
CA GLU B 357 -19.88 19.67 9.15
C GLU B 357 -18.91 18.53 9.41
N ARG B 358 -18.57 18.32 10.67
CA ARG B 358 -17.66 17.24 11.04
C ARG B 358 -18.44 16.17 11.80
N TRP B 359 -18.68 15.05 11.13
CA TRP B 359 -19.41 13.95 11.73
C TRP B 359 -18.44 12.92 12.29
N THR B 360 -18.60 12.57 13.56
CA THR B 360 -17.74 11.56 14.16
C THR B 360 -18.53 10.26 14.27
N VAL B 361 -18.10 9.26 13.52
CA VAL B 361 -18.78 7.98 13.52
C VAL B 361 -18.00 6.93 14.32
N ARG B 362 -18.70 6.23 15.19
CA ARG B 362 -18.11 5.21 16.03
C ARG B 362 -18.85 3.89 15.88
N ALA B 363 -18.17 2.80 16.21
CA ALA B 363 -18.80 1.49 16.10
C ALA B 363 -18.01 0.40 16.81
N ASP B 364 -18.66 -0.27 17.76
CA ASP B 364 -18.04 -1.37 18.50
C ASP B 364 -17.93 -2.55 17.55
N GLU B 365 -19.02 -2.82 16.84
CA GLU B 365 -19.06 -3.89 15.85
C GLU B 365 -18.70 -3.29 14.51
N PRO B 366 -17.58 -3.71 13.94
CA PRO B 366 -17.12 -3.19 12.65
C PRO B 366 -18.23 -3.29 11.62
N GLN B 367 -18.45 -2.20 10.89
CA GLN B 367 -19.46 -2.17 9.84
C GLN B 367 -19.33 -0.95 8.95
N ALA B 368 -19.97 -1.00 7.79
CA ALA B 368 -19.94 0.12 6.85
C ALA B 368 -21.02 1.14 7.21
N PHE B 369 -20.75 2.40 6.91
CA PHE B 369 -21.69 3.48 7.21
C PHE B 369 -21.90 4.28 5.93
N HIS B 370 -23.14 4.64 5.65
CA HIS B 370 -23.46 5.41 4.46
C HIS B 370 -24.30 6.65 4.77
N ILE B 371 -24.20 7.67 3.92
CA ILE B 371 -24.95 8.90 4.10
C ILE B 371 -25.48 9.39 2.74
N GLU B 372 -26.80 9.54 2.63
CA GLU B 372 -27.41 9.97 1.39
C GLU B 372 -27.30 11.48 1.12
N GLY B 373 -27.45 11.85 -0.14
CA GLY B 373 -27.43 13.24 -0.57
C GLY B 373 -26.25 14.10 -0.12
N VAL B 374 -25.11 13.47 0.14
CA VAL B 374 -23.92 14.21 0.57
C VAL B 374 -22.65 13.56 0.08
N MET B 375 -21.53 14.22 0.35
CA MET B 375 -20.22 13.71 0.00
C MET B 375 -19.24 14.17 1.06
N PHE B 376 -18.37 13.26 1.49
CA PHE B 376 -17.43 13.60 2.54
C PHE B 376 -16.02 13.12 2.24
N GLN B 377 -15.11 13.47 3.13
CA GLN B 377 -13.72 13.09 2.98
C GLN B 377 -13.24 12.54 4.32
N ILE B 378 -12.79 11.28 4.31
CA ILE B 378 -12.28 10.68 5.54
C ILE B 378 -11.09 11.48 5.98
N ARG B 379 -11.19 11.99 7.20
CA ARG B 379 -10.18 12.87 7.78
C ARG B 379 -9.25 12.11 8.72
N ASN B 380 -9.84 11.28 9.57
CA ASN B 380 -9.07 10.50 10.53
C ASN B 380 -9.70 9.13 10.74
N VAL B 381 -8.85 8.15 11.02
CA VAL B 381 -9.30 6.79 11.25
C VAL B 381 -8.65 6.26 12.51
N ASN B 382 -9.37 6.32 13.61
CA ASN B 382 -8.84 5.86 14.89
C ASN B 382 -7.68 6.74 15.33
N GLY B 383 -7.86 8.05 15.19
CA GLY B 383 -6.82 9.01 15.58
C GLY B 383 -5.67 8.94 14.59
N ALA B 384 -5.77 7.99 13.67
CA ALA B 384 -4.74 7.81 12.66
C ALA B 384 -5.20 8.37 11.33
N MET B 385 -4.28 8.43 10.38
CA MET B 385 -4.55 8.97 9.05
C MET B 385 -5.15 7.91 8.15
N PRO B 386 -6.04 8.33 7.26
CA PRO B 386 -6.65 7.40 6.32
C PRO B 386 -5.66 7.12 5.20
N PHE B 387 -5.85 6.00 4.50
CA PHE B 387 -4.97 5.62 3.40
C PHE B 387 -5.09 6.63 2.26
N PRO B 388 -4.01 6.81 1.50
CA PRO B 388 -3.97 7.76 0.38
C PRO B 388 -5.29 7.63 -0.34
N GLU B 389 -5.62 6.36 -0.49
CA GLU B 389 -6.79 5.86 -1.19
C GLU B 389 -8.19 6.19 -0.64
N ASP B 390 -8.30 6.42 0.67
CA ASP B 390 -9.59 6.81 1.22
C ASP B 390 -9.64 8.33 1.23
N ARG B 391 -8.55 8.96 0.80
CA ARG B 391 -8.45 10.42 0.82
C ARG B 391 -9.25 11.22 -0.20
N GLY B 392 -10.01 10.55 -1.07
CA GLY B 392 -10.81 11.25 -2.07
C GLY B 392 -12.20 11.60 -1.54
N TRP B 393 -13.16 11.75 -2.44
CA TRP B 393 -14.54 12.04 -2.06
C TRP B 393 -15.28 10.73 -1.93
N LYS B 394 -16.08 10.59 -0.87
CA LYS B 394 -16.78 9.34 -0.61
C LYS B 394 -18.18 9.54 -0.06
N ASP B 395 -18.93 8.45 0.03
CA ASP B 395 -20.27 8.46 0.59
C ASP B 395 -20.48 7.23 1.48
N THR B 396 -19.48 6.36 1.49
CA THR B 396 -19.52 5.13 2.29
C THR B 396 -18.16 4.87 2.93
N VAL B 397 -18.16 4.57 4.22
CA VAL B 397 -16.91 4.32 4.94
C VAL B 397 -16.98 3.11 5.87
N TRP B 398 -15.86 2.41 6.00
CA TRP B 398 -15.76 1.27 6.90
C TRP B 398 -15.46 1.80 8.30
N VAL B 399 -16.27 1.42 9.27
CA VAL B 399 -16.09 1.89 10.65
C VAL B 399 -15.83 0.73 11.61
N ASP B 400 -14.66 0.73 12.20
CA ASP B 400 -14.30 -0.31 13.16
C ASP B 400 -13.61 0.38 14.33
N GLY B 401 -14.38 1.16 15.08
CA GLY B 401 -13.87 1.90 16.23
C GLY B 401 -14.28 3.37 16.21
N GLN B 402 -13.77 4.12 15.24
CA GLN B 402 -14.06 5.54 15.14
C GLN B 402 -13.44 6.17 13.90
N VAL B 403 -14.21 7.00 13.20
CA VAL B 403 -13.72 7.72 12.03
C VAL B 403 -14.19 9.15 12.09
N GLU B 404 -13.42 10.06 11.50
CA GLU B 404 -13.77 11.47 11.48
C GLU B 404 -13.97 11.91 10.04
N LEU B 405 -15.19 12.31 9.71
CA LEU B 405 -15.50 12.72 8.34
C LEU B 405 -15.78 14.20 8.21
N LEU B 406 -15.36 14.78 7.09
CA LEU B 406 -15.64 16.18 6.82
C LEU B 406 -16.74 16.21 5.77
N VAL B 407 -17.98 16.40 6.22
CA VAL B 407 -19.15 16.38 5.36
C VAL B 407 -19.52 17.70 4.70
N TYR B 408 -20.15 17.60 3.54
CA TYR B 408 -20.61 18.77 2.80
C TYR B 408 -22.01 18.51 2.24
N PHE B 409 -22.97 19.29 2.69
CA PHE B 409 -24.36 19.15 2.28
C PHE B 409 -24.70 20.10 1.14
N GLY B 410 -24.63 19.59 -0.09
CA GLY B 410 -24.93 20.41 -1.27
C GLY B 410 -26.35 20.22 -1.79
N GLN B 411 -27.10 19.31 -1.16
CA GLN B 411 -28.47 19.01 -1.57
C GLN B 411 -29.45 19.23 -0.42
N PRO B 412 -30.70 19.51 -0.77
CA PRO B 412 -31.74 19.76 0.23
C PRO B 412 -32.71 18.58 0.38
N SER B 413 -33.35 18.51 1.55
CA SER B 413 -34.32 17.46 1.83
C SER B 413 -35.50 18.00 2.64
N TRP B 414 -36.55 17.19 2.74
CA TRP B 414 -37.76 17.59 3.46
C TRP B 414 -38.02 16.63 4.62
N ALA B 415 -38.77 17.10 5.61
CA ALA B 415 -39.09 16.28 6.78
C ALA B 415 -39.78 14.96 6.43
N HIS B 416 -40.55 14.96 5.34
CA HIS B 416 -41.24 13.76 4.90
C HIS B 416 -40.57 13.11 3.69
N PHE B 417 -39.46 13.73 3.27
CA PHE B 417 -38.67 13.23 2.14
C PHE B 417 -37.20 13.49 2.48
N PRO B 418 -36.76 13.01 3.63
CA PRO B 418 -35.42 13.24 4.08
C PRO B 418 -34.38 12.35 3.43
N PHE B 419 -33.13 12.56 3.82
CA PHE B 419 -32.02 11.75 3.36
C PHE B 419 -31.80 10.71 4.46
N TYR B 420 -31.03 9.67 4.16
CA TYR B 420 -30.78 8.65 5.16
C TYR B 420 -29.30 8.34 5.35
N PHE B 421 -28.86 8.33 6.59
CA PHE B 421 -27.51 7.88 6.91
C PHE B 421 -27.76 6.55 7.62
N ASN B 422 -27.03 5.53 7.23
CA ASN B 422 -27.29 4.20 7.80
C ASN B 422 -26.10 3.27 7.79
N SER B 423 -26.20 2.20 8.57
CA SER B 423 -25.18 1.17 8.60
C SER B 423 -25.33 0.38 7.30
N GLN B 424 -24.22 0.16 6.61
CA GLN B 424 -24.25 -0.54 5.32
C GLN B 424 -24.47 -2.05 5.44
N THR B 425 -24.48 -2.56 6.67
CA THR B 425 -24.76 -3.99 6.88
C THR B 425 -26.26 -4.10 6.74
N LEU B 426 -26.71 -4.55 5.58
CA LEU B 426 -28.13 -4.64 5.27
C LEU B 426 -29.02 -5.19 6.39
N GLU B 427 -28.60 -6.28 7.00
CA GLU B 427 -29.38 -6.89 8.08
C GLU B 427 -29.57 -5.95 9.27
N MET B 428 -28.64 -5.03 9.45
CA MET B 428 -28.71 -4.07 10.55
C MET B 428 -29.57 -2.86 10.21
N ALA B 429 -29.55 -2.46 8.95
CA ALA B 429 -30.36 -1.32 8.50
C ALA B 429 -31.84 -1.72 8.49
N ASP B 430 -32.13 -2.90 7.93
CA ASP B 430 -33.48 -3.45 7.87
C ASP B 430 -34.04 -3.51 9.27
N ARG B 431 -33.14 -3.42 10.23
CA ARG B 431 -33.47 -3.62 11.63
C ARG B 431 -33.55 -2.38 12.53
N GLY B 432 -33.42 -1.19 11.96
CA GLY B 432 -33.53 0.02 12.77
C GLY B 432 -32.28 0.89 12.80
N SER B 433 -31.17 0.37 12.29
CA SER B 433 -29.93 1.13 12.26
C SER B 433 -29.97 2.18 11.14
N ILE B 434 -31.02 3.00 11.16
CA ILE B 434 -31.21 4.03 10.15
C ILE B 434 -31.56 5.36 10.81
N GLY B 435 -31.00 6.44 10.27
CA GLY B 435 -31.25 7.78 10.79
C GLY B 435 -31.80 8.64 9.64
N GLN B 436 -32.49 9.71 9.99
CA GLN B 436 -33.05 10.60 8.99
C GLN B 436 -32.43 11.99 9.08
N LEU B 437 -31.82 12.42 7.98
CA LEU B 437 -31.16 13.70 7.91
C LEU B 437 -31.98 14.73 7.13
N LEU B 438 -32.14 15.92 7.69
CA LEU B 438 -32.88 16.99 7.03
C LEU B 438 -31.97 18.14 6.68
N VAL B 439 -31.81 18.40 5.38
CA VAL B 439 -30.96 19.49 4.92
C VAL B 439 -31.82 20.66 4.46
N ASN B 440 -31.66 21.80 5.13
CA ASN B 440 -32.44 22.98 4.80
C ASN B 440 -31.84 23.84 3.69
N PRO B 441 -32.69 24.25 2.77
CA PRO B 441 -32.28 25.17 1.72
C PRO B 441 -32.41 26.53 2.40
N VAL B 442 -31.84 27.59 1.83
CA VAL B 442 -31.08 27.55 0.58
C VAL B 442 -29.91 26.59 0.65
#